data_3DSO
# 
_entry.id   3DSO 
# 
_audit_conform.dict_name       mmcif_pdbx.dic 
_audit_conform.dict_version    5.388 
_audit_conform.dict_location   http://mmcif.pdb.org/dictionaries/ascii/mmcif_pdbx.dic 
# 
loop_
_database_2.database_id 
_database_2.database_code 
_database_2.pdbx_database_accession 
_database_2.pdbx_DOI 
PDB   3DSO         pdb_00003dso 10.2210/pdb3dso/pdb 
RCSB  RCSB048438   ?            ?                   
WWPDB D_1000048438 ?            ?                   
# 
loop_
_pdbx_audit_revision_history.ordinal 
_pdbx_audit_revision_history.data_content_type 
_pdbx_audit_revision_history.major_revision 
_pdbx_audit_revision_history.minor_revision 
_pdbx_audit_revision_history.revision_date 
1 'Structure model' 1 0 2009-03-10 
2 'Structure model' 1 1 2011-07-13 
3 'Structure model' 1 2 2017-10-25 
4 'Structure model' 1 3 2024-03-20 
# 
_pdbx_audit_revision_details.ordinal             1 
_pdbx_audit_revision_details.revision_ordinal    1 
_pdbx_audit_revision_details.data_content_type   'Structure model' 
_pdbx_audit_revision_details.provider            repository 
_pdbx_audit_revision_details.type                'Initial release' 
_pdbx_audit_revision_details.description         ? 
_pdbx_audit_revision_details.details             ? 
# 
loop_
_pdbx_audit_revision_group.ordinal 
_pdbx_audit_revision_group.revision_ordinal 
_pdbx_audit_revision_group.data_content_type 
_pdbx_audit_revision_group.group 
1 2 'Structure model' Advisory                    
2 2 'Structure model' 'Version format compliance' 
3 3 'Structure model' 'Refinement description'    
4 4 'Structure model' 'Data collection'           
5 4 'Structure model' 'Database references'       
6 4 'Structure model' 'Derived calculations'      
# 
loop_
_pdbx_audit_revision_category.ordinal 
_pdbx_audit_revision_category.revision_ordinal 
_pdbx_audit_revision_category.data_content_type 
_pdbx_audit_revision_category.category 
1 3 'Structure model' software       
2 4 'Structure model' chem_comp_atom 
3 4 'Structure model' chem_comp_bond 
4 4 'Structure model' database_2     
5 4 'Structure model' struct_site    
# 
loop_
_pdbx_audit_revision_item.ordinal 
_pdbx_audit_revision_item.revision_ordinal 
_pdbx_audit_revision_item.data_content_type 
_pdbx_audit_revision_item.item 
1 4 'Structure model' '_database_2.pdbx_DOI'                
2 4 'Structure model' '_database_2.pdbx_database_accession' 
3 4 'Structure model' '_struct_site.pdbx_auth_asym_id'      
4 4 'Structure model' '_struct_site.pdbx_auth_comp_id'      
5 4 'Structure model' '_struct_site.pdbx_auth_seq_id'       
# 
_pdbx_database_status.entry_id                        3DSO 
_pdbx_database_status.deposit_site                    RCSB 
_pdbx_database_status.process_site                    PDBJ 
_pdbx_database_status.recvd_initial_deposition_date   2008-07-13 
_pdbx_database_status.status_code                     REL 
_pdbx_database_status.status_code_sf                  REL 
_pdbx_database_status.status_code_mr                  ? 
_pdbx_database_status.SG_entry                        ? 
_pdbx_database_status.pdb_format_compatible           Y 
_pdbx_database_status.status_code_cs                  ? 
_pdbx_database_status.methods_development_category    ? 
_pdbx_database_status.status_code_nmr_data            ? 
# 
loop_
_pdbx_database_related.db_name 
_pdbx_database_related.db_id 
_pdbx_database_related.details 
_pdbx_database_related.content_type 
PDB 2K0Q 'Solution structure of apo CopK'      unspecified 
PDB 3DSP 'Crystal structure of CopK, apo form' unspecified 
# 
loop_
_audit_author.name 
_audit_author.pdbx_ordinal 
'Ash, M.-R.'  1 
'Maher, M.J.' 2 
# 
_citation.id                        primary 
_citation.title                     
;Unprecedented binding cooperativity between Cu(I) and Cu(II) in the copper resistance protein CopK from Cupriavidus metallidurans CH34: implications from structural studies by NMR spectroscopy and X-ray crystallography
;
_citation.journal_abbrev            J.Am.Chem.Soc. 
_citation.journal_volume            131 
_citation.page_first                3549 
_citation.page_last                 3564 
_citation.year                      2009 
_citation.journal_id_ASTM           JACSAT 
_citation.country                   US 
_citation.journal_id_ISSN           0002-7863 
_citation.journal_id_CSD            0004 
_citation.book_publisher            ? 
_citation.pdbx_database_id_PubMed   19236095 
_citation.pdbx_database_id_DOI      10.1021/ja807354z 
# 
loop_
_citation_author.citation_id 
_citation_author.name 
_citation_author.ordinal 
_citation_author.identifier_ORCID 
primary 'Chong, L.X.' 1 ? 
primary 'Ash, M.-R.'  2 ? 
primary 'Maher, M.J.' 3 ? 
primary 'Hinds, M.G.' 4 ? 
primary 'Xiao, Z.'    5 ? 
primary 'Wedd, A.G.'  6 ? 
# 
loop_
_entity.id 
_entity.type 
_entity.src_method 
_entity.pdbx_description 
_entity.formula_weight 
_entity.pdbx_number_of_molecules 
_entity.pdbx_ec 
_entity.pdbx_mutation 
_entity.pdbx_fragment 
_entity.details 
1 polymer     man 'Putative uncharacterized protein copK' 8294.567 1  ? ? 'UNP residues 21-74' ? 
2 non-polymer syn 'COPPER (I) ION'                        63.546   1  ? ? ?                    ? 
3 non-polymer syn 'THIOCYANATE ION'                       58.082   2  ? ? ?                    ? 
4 water       nat water                                   18.015   64 ? ? ?                    ? 
# 
_entity_name_com.entity_id   1 
_entity_name_com.name        'Putative uncharacterized protein precursor' 
# 
_entity_poly.entity_id                      1 
_entity_poly.type                           'polypeptide(L)' 
_entity_poly.nstd_linkage                   no 
_entity_poly.nstd_monomer                   no 
_entity_poly.pdbx_seq_one_letter_code       VDMSNVVKTYDLQDGSKVHVFKDGKMGMENKFGKSMNMPEGKVMETRDGTKIIMKGNEIFRLDEALRKGHSEGG 
_entity_poly.pdbx_seq_one_letter_code_can   VDMSNVVKTYDLQDGSKVHVFKDGKMGMENKFGKSMNMPEGKVMETRDGTKIIMKGNEIFRLDEALRKGHSEGG 
_entity_poly.pdbx_strand_id                 A 
_entity_poly.pdbx_target_identifier         ? 
# 
loop_
_pdbx_entity_nonpoly.entity_id 
_pdbx_entity_nonpoly.name 
_pdbx_entity_nonpoly.comp_id 
2 'COPPER (I) ION'  CU1 
3 'THIOCYANATE ION' SCN 
4 water             HOH 
# 
loop_
_entity_poly_seq.entity_id 
_entity_poly_seq.num 
_entity_poly_seq.mon_id 
_entity_poly_seq.hetero 
1 1  VAL n 
1 2  ASP n 
1 3  MET n 
1 4  SER n 
1 5  ASN n 
1 6  VAL n 
1 7  VAL n 
1 8  LYS n 
1 9  THR n 
1 10 TYR n 
1 11 ASP n 
1 12 LEU n 
1 13 GLN n 
1 14 ASP n 
1 15 GLY n 
1 16 SER n 
1 17 LYS n 
1 18 VAL n 
1 19 HIS n 
1 20 VAL n 
1 21 PHE n 
1 22 LYS n 
1 23 ASP n 
1 24 GLY n 
1 25 LYS n 
1 26 MET n 
1 27 GLY n 
1 28 MET n 
1 29 GLU n 
1 30 ASN n 
1 31 LYS n 
1 32 PHE n 
1 33 GLY n 
1 34 LYS n 
1 35 SER n 
1 36 MET n 
1 37 ASN n 
1 38 MET n 
1 39 PRO n 
1 40 GLU n 
1 41 GLY n 
1 42 LYS n 
1 43 VAL n 
1 44 MET n 
1 45 GLU n 
1 46 THR n 
1 47 ARG n 
1 48 ASP n 
1 49 GLY n 
1 50 THR n 
1 51 LYS n 
1 52 ILE n 
1 53 ILE n 
1 54 MET n 
1 55 LYS n 
1 56 GLY n 
1 57 ASN n 
1 58 GLU n 
1 59 ILE n 
1 60 PHE n 
1 61 ARG n 
1 62 LEU n 
1 63 ASP n 
1 64 GLU n 
1 65 ALA n 
1 66 LEU n 
1 67 ARG n 
1 68 LYS n 
1 69 GLY n 
1 70 HIS n 
1 71 SER n 
1 72 GLU n 
1 73 GLY n 
1 74 GLY n 
# 
_entity_src_gen.entity_id                          1 
_entity_src_gen.pdbx_src_id                        1 
_entity_src_gen.pdbx_alt_source_flag               sample 
_entity_src_gen.pdbx_seq_type                      ? 
_entity_src_gen.pdbx_beg_seq_num                   ? 
_entity_src_gen.pdbx_end_seq_num                   ? 
_entity_src_gen.gene_src_common_name               ? 
_entity_src_gen.gene_src_genus                     ? 
_entity_src_gen.pdbx_gene_src_gene                 copK 
_entity_src_gen.gene_src_species                   ? 
_entity_src_gen.gene_src_strain                    CH34 
_entity_src_gen.gene_src_tissue                    ? 
_entity_src_gen.gene_src_tissue_fraction           ? 
_entity_src_gen.gene_src_details                   ? 
_entity_src_gen.pdbx_gene_src_fragment             ? 
_entity_src_gen.pdbx_gene_src_scientific_name      'Ralstonia metallidurans' 
_entity_src_gen.pdbx_gene_src_ncbi_taxonomy_id     266264 
_entity_src_gen.pdbx_gene_src_variant              ? 
_entity_src_gen.pdbx_gene_src_cell_line            ? 
_entity_src_gen.pdbx_gene_src_atcc                 ? 
_entity_src_gen.pdbx_gene_src_organ                ? 
_entity_src_gen.pdbx_gene_src_organelle            ? 
_entity_src_gen.pdbx_gene_src_cell                 ? 
_entity_src_gen.pdbx_gene_src_cellular_location    ? 
_entity_src_gen.host_org_common_name               ? 
_entity_src_gen.pdbx_host_org_scientific_name      'Escherichia coli' 
_entity_src_gen.pdbx_host_org_ncbi_taxonomy_id     469008 
_entity_src_gen.host_org_genus                     ? 
_entity_src_gen.pdbx_host_org_gene                 ? 
_entity_src_gen.pdbx_host_org_organ                ? 
_entity_src_gen.host_org_species                   ? 
_entity_src_gen.pdbx_host_org_tissue               ? 
_entity_src_gen.pdbx_host_org_tissue_fraction      ? 
_entity_src_gen.pdbx_host_org_strain               'BL21(DE3)' 
_entity_src_gen.pdbx_host_org_variant              ? 
_entity_src_gen.pdbx_host_org_cell_line            ? 
_entity_src_gen.pdbx_host_org_atcc                 ? 
_entity_src_gen.pdbx_host_org_culture_collection   ? 
_entity_src_gen.pdbx_host_org_cell                 ? 
_entity_src_gen.pdbx_host_org_organelle            ? 
_entity_src_gen.pdbx_host_org_cellular_location    ? 
_entity_src_gen.pdbx_host_org_vector_type          plasmid 
_entity_src_gen.pdbx_host_org_vector               ? 
_entity_src_gen.host_org_details                   ? 
_entity_src_gen.expression_system_id               ? 
_entity_src_gen.plasmid_name                       pCX07 
_entity_src_gen.plasmid_details                    ? 
_entity_src_gen.pdbx_description                   ? 
# 
loop_
_chem_comp.id 
_chem_comp.type 
_chem_comp.mon_nstd_flag 
_chem_comp.name 
_chem_comp.pdbx_synonyms 
_chem_comp.formula 
_chem_comp.formula_weight 
ALA 'L-peptide linking' y ALANINE           ? 'C3 H7 N O2'     89.093  
ARG 'L-peptide linking' y ARGININE          ? 'C6 H15 N4 O2 1' 175.209 
ASN 'L-peptide linking' y ASPARAGINE        ? 'C4 H8 N2 O3'    132.118 
ASP 'L-peptide linking' y 'ASPARTIC ACID'   ? 'C4 H7 N O4'     133.103 
CU1 non-polymer         . 'COPPER (I) ION'  ? 'Cu 1'           63.546  
GLN 'L-peptide linking' y GLUTAMINE         ? 'C5 H10 N2 O3'   146.144 
GLU 'L-peptide linking' y 'GLUTAMIC ACID'   ? 'C5 H9 N O4'     147.129 
GLY 'peptide linking'   y GLYCINE           ? 'C2 H5 N O2'     75.067  
HIS 'L-peptide linking' y HISTIDINE         ? 'C6 H10 N3 O2 1' 156.162 
HOH non-polymer         . WATER             ? 'H2 O'           18.015  
ILE 'L-peptide linking' y ISOLEUCINE        ? 'C6 H13 N O2'    131.173 
LEU 'L-peptide linking' y LEUCINE           ? 'C6 H13 N O2'    131.173 
LYS 'L-peptide linking' y LYSINE            ? 'C6 H15 N2 O2 1' 147.195 
MET 'L-peptide linking' y METHIONINE        ? 'C5 H11 N O2 S'  149.211 
PHE 'L-peptide linking' y PHENYLALANINE     ? 'C9 H11 N O2'    165.189 
PRO 'L-peptide linking' y PROLINE           ? 'C5 H9 N O2'     115.130 
SCN non-polymer         . 'THIOCYANATE ION' ? 'C N S -1'       58.082  
SER 'L-peptide linking' y SERINE            ? 'C3 H7 N O3'     105.093 
THR 'L-peptide linking' y THREONINE         ? 'C4 H9 N O3'     119.119 
TYR 'L-peptide linking' y TYROSINE          ? 'C9 H11 N O3'    181.189 
VAL 'L-peptide linking' y VALINE            ? 'C5 H11 N O2'    117.146 
# 
loop_
_pdbx_poly_seq_scheme.asym_id 
_pdbx_poly_seq_scheme.entity_id 
_pdbx_poly_seq_scheme.seq_id 
_pdbx_poly_seq_scheme.mon_id 
_pdbx_poly_seq_scheme.ndb_seq_num 
_pdbx_poly_seq_scheme.pdb_seq_num 
_pdbx_poly_seq_scheme.auth_seq_num 
_pdbx_poly_seq_scheme.pdb_mon_id 
_pdbx_poly_seq_scheme.auth_mon_id 
_pdbx_poly_seq_scheme.pdb_strand_id 
_pdbx_poly_seq_scheme.pdb_ins_code 
_pdbx_poly_seq_scheme.hetero 
A 1 1  VAL 1  1  1  VAL VAL A . n 
A 1 2  ASP 2  2  2  ASP ASP A . n 
A 1 3  MET 3  3  3  MET MET A . n 
A 1 4  SER 4  4  4  SER SER A . n 
A 1 5  ASN 5  5  5  ASN ASN A . n 
A 1 6  VAL 6  6  6  VAL VAL A . n 
A 1 7  VAL 7  7  7  VAL VAL A . n 
A 1 8  LYS 8  8  8  LYS LYS A . n 
A 1 9  THR 9  9  9  THR THR A . n 
A 1 10 TYR 10 10 10 TYR TYR A . n 
A 1 11 ASP 11 11 11 ASP ASP A . n 
A 1 12 LEU 12 12 12 LEU LEU A . n 
A 1 13 GLN 13 13 13 GLN GLN A . n 
A 1 14 ASP 14 14 14 ASP ASP A . n 
A 1 15 GLY 15 15 15 GLY GLY A . n 
A 1 16 SER 16 16 16 SER SER A . n 
A 1 17 LYS 17 17 17 LYS LYS A . n 
A 1 18 VAL 18 18 18 VAL VAL A . n 
A 1 19 HIS 19 19 19 HIS HIS A . n 
A 1 20 VAL 20 20 20 VAL VAL A . n 
A 1 21 PHE 21 21 21 PHE PHE A . n 
A 1 22 LYS 22 22 22 LYS LYS A . n 
A 1 23 ASP 23 23 23 ASP ASP A . n 
A 1 24 GLY 24 24 24 GLY GLY A . n 
A 1 25 LYS 25 25 25 LYS LYS A . n 
A 1 26 MET 26 26 26 MET MET A . n 
A 1 27 GLY 27 27 27 GLY GLY A . n 
A 1 28 MET 28 28 28 MET MET A . n 
A 1 29 GLU 29 29 29 GLU GLU A . n 
A 1 30 ASN 30 30 30 ASN ASN A . n 
A 1 31 LYS 31 31 31 LYS LYS A . n 
A 1 32 PHE 32 32 32 PHE PHE A . n 
A 1 33 GLY 33 33 33 GLY GLY A . n 
A 1 34 LYS 34 34 34 LYS LYS A . n 
A 1 35 SER 35 35 35 SER SER A . n 
A 1 36 MET 36 36 36 MET MET A . n 
A 1 37 ASN 37 37 37 ASN ASN A . n 
A 1 38 MET 38 38 38 MET MET A . n 
A 1 39 PRO 39 39 39 PRO PRO A . n 
A 1 40 GLU 40 40 40 GLU GLU A . n 
A 1 41 GLY 41 41 41 GLY GLY A . n 
A 1 42 LYS 42 42 42 LYS LYS A . n 
A 1 43 VAL 43 43 43 VAL VAL A . n 
A 1 44 MET 44 44 44 MET MET A . n 
A 1 45 GLU 45 45 45 GLU GLU A . n 
A 1 46 THR 46 46 46 THR THR A . n 
A 1 47 ARG 47 47 47 ARG ARG A . n 
A 1 48 ASP 48 48 48 ASP ASP A . n 
A 1 49 GLY 49 49 49 GLY GLY A . n 
A 1 50 THR 50 50 50 THR THR A . n 
A 1 51 LYS 51 51 51 LYS LYS A . n 
A 1 52 ILE 52 52 52 ILE ILE A . n 
A 1 53 ILE 53 53 53 ILE ILE A . n 
A 1 54 MET 54 54 54 MET MET A . n 
A 1 55 LYS 55 55 55 LYS LYS A . n 
A 1 56 GLY 56 56 56 GLY GLY A . n 
A 1 57 ASN 57 57 57 ASN ASN A . n 
A 1 58 GLU 58 58 58 GLU GLU A . n 
A 1 59 ILE 59 59 59 ILE ILE A . n 
A 1 60 PHE 60 60 60 PHE PHE A . n 
A 1 61 ARG 61 61 61 ARG ARG A . n 
A 1 62 LEU 62 62 62 LEU LEU A . n 
A 1 63 ASP 63 63 63 ASP ASP A . n 
A 1 64 GLU 64 64 64 GLU GLU A . n 
A 1 65 ALA 65 65 65 ALA ALA A . n 
A 1 66 LEU 66 66 66 LEU LEU A . n 
A 1 67 ARG 67 67 ?  ?   ?   A . n 
A 1 68 LYS 68 68 ?  ?   ?   A . n 
A 1 69 GLY 69 69 ?  ?   ?   A . n 
A 1 70 HIS 70 70 ?  ?   ?   A . n 
A 1 71 SER 71 71 ?  ?   ?   A . n 
A 1 72 GLU 72 72 ?  ?   ?   A . n 
A 1 73 GLY 73 73 ?  ?   ?   A . n 
A 1 74 GLY 74 74 ?  ?   ?   A . n 
# 
loop_
_pdbx_nonpoly_scheme.asym_id 
_pdbx_nonpoly_scheme.entity_id 
_pdbx_nonpoly_scheme.mon_id 
_pdbx_nonpoly_scheme.ndb_seq_num 
_pdbx_nonpoly_scheme.pdb_seq_num 
_pdbx_nonpoly_scheme.auth_seq_num 
_pdbx_nonpoly_scheme.pdb_mon_id 
_pdbx_nonpoly_scheme.auth_mon_id 
_pdbx_nonpoly_scheme.pdb_strand_id 
_pdbx_nonpoly_scheme.pdb_ins_code 
B 2 CU1 1  101 101 CU1 CU1 A . 
C 3 SCN 1  201 201 SCN SCN A . 
D 3 SCN 1  301 301 SCN SCN A . 
E 4 HOH 1  302 1   HOH HOH A . 
E 4 HOH 2  303 2   HOH HOH A . 
E 4 HOH 3  304 3   HOH HOH A . 
E 4 HOH 4  305 4   HOH HOH A . 
E 4 HOH 5  306 5   HOH HOH A . 
E 4 HOH 6  307 6   HOH HOH A . 
E 4 HOH 7  308 7   HOH HOH A . 
E 4 HOH 8  309 8   HOH HOH A . 
E 4 HOH 9  310 9   HOH HOH A . 
E 4 HOH 10 311 10  HOH HOH A . 
E 4 HOH 11 312 11  HOH HOH A . 
E 4 HOH 12 313 12  HOH HOH A . 
E 4 HOH 13 314 13  HOH HOH A . 
E 4 HOH 14 315 14  HOH HOH A . 
E 4 HOH 15 316 15  HOH HOH A . 
E 4 HOH 16 317 16  HOH HOH A . 
E 4 HOH 17 318 17  HOH HOH A . 
E 4 HOH 18 319 18  HOH HOH A . 
E 4 HOH 19 320 19  HOH HOH A . 
E 4 HOH 20 321 20  HOH HOH A . 
E 4 HOH 21 322 21  HOH HOH A . 
E 4 HOH 22 323 22  HOH HOH A . 
E 4 HOH 23 324 23  HOH HOH A . 
E 4 HOH 24 325 24  HOH HOH A . 
E 4 HOH 25 326 25  HOH HOH A . 
E 4 HOH 26 327 26  HOH HOH A . 
E 4 HOH 27 328 27  HOH HOH A . 
E 4 HOH 28 329 28  HOH HOH A . 
E 4 HOH 29 330 29  HOH HOH A . 
E 4 HOH 30 331 30  HOH HOH A . 
E 4 HOH 31 332 31  HOH HOH A . 
E 4 HOH 32 333 32  HOH HOH A . 
E 4 HOH 33 334 33  HOH HOH A . 
E 4 HOH 34 335 34  HOH HOH A . 
E 4 HOH 35 336 35  HOH HOH A . 
E 4 HOH 36 337 36  HOH HOH A . 
E 4 HOH 37 338 37  HOH HOH A . 
E 4 HOH 38 339 38  HOH HOH A . 
E 4 HOH 39 340 39  HOH HOH A . 
E 4 HOH 40 341 40  HOH HOH A . 
E 4 HOH 41 342 41  HOH HOH A . 
E 4 HOH 42 343 42  HOH HOH A . 
E 4 HOH 43 344 43  HOH HOH A . 
E 4 HOH 44 345 44  HOH HOH A . 
E 4 HOH 45 346 45  HOH HOH A . 
E 4 HOH 46 347 47  HOH HOH A . 
E 4 HOH 47 348 48  HOH HOH A . 
E 4 HOH 48 349 49  HOH HOH A . 
E 4 HOH 49 350 50  HOH HOH A . 
E 4 HOH 50 351 51  HOH HOH A . 
E 4 HOH 51 352 53  HOH HOH A . 
E 4 HOH 52 353 54  HOH HOH A . 
E 4 HOH 53 354 55  HOH HOH A . 
E 4 HOH 54 355 56  HOH HOH A . 
E 4 HOH 55 356 57  HOH HOH A . 
E 4 HOH 56 357 58  HOH HOH A . 
E 4 HOH 57 358 59  HOH HOH A . 
E 4 HOH 58 359 60  HOH HOH A . 
E 4 HOH 59 360 61  HOH HOH A . 
E 4 HOH 60 361 62  HOH HOH A . 
E 4 HOH 61 362 63  HOH HOH A . 
E 4 HOH 62 363 64  HOH HOH A . 
E 4 HOH 63 364 65  HOH HOH A . 
E 4 HOH 64 365 66  HOH HOH A . 
# 
loop_
_software.name 
_software.version 
_software.date 
_software.type 
_software.contact_author 
_software.contact_author_email 
_software.classification 
_software.location 
_software.language 
_software.citation_id 
_software.pdbx_ordinal 
DENZO       .     ?               package 'Zbyszek Otwinowski' hkl@hkl-xray.com      'data reduction'  http://www.hkl-xray.com/ ? 
? 1 
SCALEPACK   .     ?               package 'Zbyszek Otwinowski' hkl@hkl-xray.com      'data scaling'    http://www.hkl-xray.com/ ? 
? 2 
REFMAC      .     ?               program 'Garib N. Murshudov' garib@ysbl.york.ac.uk refinement        
http://www.ccp4.ac.uk/dist/html/refmac5.html Fortran_77 ? 3 
PDB_EXTRACT 3.006 'June 11, 2008' package PDB                  help@deposit.rcsb.org 'data extraction' 
http://sw-tools.pdb.org/apps/PDB_EXTRACT/    C++        ? 4 
HKL-2000    .     ?               ?       ?                    ?                     'data reduction'  ? ?          ? 5 
HKL-2000    .     ?               ?       ?                    ?                     'data scaling'    ? ?          ? 6 
SHARP       .     ?               ?       ?                    ?                     phasing           ? ?          ? 7 
# 
_cell.length_a           32.193 
_cell.length_b           84.672 
_cell.length_c           23.662 
_cell.angle_alpha        90.000 
_cell.angle_beta         90.000 
_cell.angle_gamma        90.000 
_cell.entry_id           3DSO 
_cell.pdbx_unique_axis   ? 
_cell.Z_PDB              4 
_cell.length_a_esd       ? 
_cell.length_b_esd       ? 
_cell.length_c_esd       ? 
_cell.angle_alpha_esd    ? 
_cell.angle_beta_esd     ? 
_cell.angle_gamma_esd    ? 
# 
_symmetry.space_group_name_H-M             'P 21 21 2' 
_symmetry.entry_id                         3DSO 
_symmetry.Int_Tables_number                18 
_symmetry.pdbx_full_space_group_name_H-M   ? 
_symmetry.cell_setting                     ? 
_symmetry.space_group_name_Hall            ? 
# 
_exptl.crystals_number   1 
_exptl.entry_id          3DSO 
_exptl.method            'X-RAY DIFFRACTION' 
# 
_exptl_crystal.id                    1 
_exptl_crystal.pdbx_mosaicity        0.653 
_exptl_crystal.pdbx_mosaicity_esd    ? 
_exptl_crystal.density_Matthews      1.94 
_exptl_crystal.density_diffrn        ? 
_exptl_crystal.density_meas          ? 
_exptl_crystal.density_meas_temp     ? 
_exptl_crystal.density_percent_sol   36.73 
_exptl_crystal.size_max              ? 
_exptl_crystal.size_mid              ? 
_exptl_crystal.size_min              ? 
_exptl_crystal.size_rad              ? 
_exptl_crystal.description           ? 
_exptl_crystal.F_000                 ? 
_exptl_crystal.preparation           ? 
# 
_exptl_crystal_grow.crystal_id      1 
_exptl_crystal_grow.method          'VAPOR DIFFUSION, HANGING DROP' 
_exptl_crystal_grow.pH              ? 
_exptl_crystal_grow.temp            298 
_exptl_crystal_grow.pdbx_details    '0.1M KSCN, 32% PEG MME 2000, VAPOR DIFFUSION, HANGING DROP, temperature 298K' 
_exptl_crystal_grow.temp_details    ? 
_exptl_crystal_grow.pdbx_pH_range   . 
# 
_diffrn.id                     1 
_diffrn.ambient_temp           100 
_diffrn.ambient_temp_details   ? 
_diffrn.crystal_id             1 
# 
_diffrn_detector.diffrn_id              1 
_diffrn_detector.detector               'IMAGE PLATE' 
_diffrn_detector.type                   'MAR scanner 345 mm plate' 
_diffrn_detector.pdbx_collection_date   2008-06-13 
_diffrn_detector.details                'Osmic mirrors' 
# 
_diffrn_radiation.diffrn_id                        1 
_diffrn_radiation.pdbx_diffrn_protocol             'SINGLE WAVELENGTH' 
_diffrn_radiation.monochromator                    ? 
_diffrn_radiation.wavelength_id                    1 
_diffrn_radiation.pdbx_monochromatic_or_laue_m_l   M 
_diffrn_radiation.pdbx_scattering_type             x-ray 
# 
_diffrn_radiation_wavelength.id           1 
_diffrn_radiation_wavelength.wavelength   1.54179 
_diffrn_radiation_wavelength.wt           1.0 
# 
_diffrn_source.diffrn_id                   1 
_diffrn_source.source                      'ROTATING ANODE' 
_diffrn_source.type                        'RIGAKU RU200' 
_diffrn_source.pdbx_wavelength_list        1.54179 
_diffrn_source.pdbx_wavelength             ? 
_diffrn_source.pdbx_synchrotron_site       ? 
_diffrn_source.pdbx_synchrotron_beamline   ? 
# 
_reflns.entry_id                     3DSO 
_reflns.d_resolution_high            1.550 
_reflns.d_resolution_low             50.000 
_reflns.pdbx_number_measured_all     87158 
_reflns.number_obs                   9911 
_reflns.pdbx_Rmerge_I_obs            0.043 
_reflns.pdbx_netI_over_sigmaI        27.100 
_reflns.pdbx_chi_squared             1.087 
_reflns.pdbx_redundancy              8.800 
_reflns.percent_possible_obs         99.100 
_reflns.pdbx_Rrim_I_all              0.043 
_reflns.B_iso_Wilson_estimate        22.7 
_reflns.number_all                   ? 
_reflns.observed_criterion_sigma_F   ? 
_reflns.observed_criterion_sigma_I   ? 
_reflns.pdbx_Rsym_value              ? 
_reflns.R_free_details               ? 
_reflns.limit_h_max                  ? 
_reflns.limit_h_min                  ? 
_reflns.limit_k_max                  ? 
_reflns.limit_k_min                  ? 
_reflns.limit_l_max                  ? 
_reflns.limit_l_min                  ? 
_reflns.observed_criterion_F_max     ? 
_reflns.observed_criterion_F_min     ? 
_reflns.pdbx_scaling_rejects         ? 
_reflns.pdbx_ordinal                 1 
_reflns.pdbx_diffrn_id               1 
# 
loop_
_reflns_shell.d_res_high 
_reflns_shell.d_res_low 
_reflns_shell.number_measured_obs 
_reflns_shell.number_measured_all 
_reflns_shell.number_unique_obs 
_reflns_shell.pdbx_rejects 
_reflns_shell.Rmerge_I_obs 
_reflns_shell.meanI_over_sigI_obs 
_reflns_shell.pdbx_Rsym_value 
_reflns_shell.pdbx_chi_squared 
_reflns_shell.pdbx_redundancy 
_reflns_shell.percent_possible_obs 
_reflns_shell.pdbx_Rrim_I_all 
_reflns_shell.number_possible 
_reflns_shell.number_unique_all 
_reflns_shell.Rmerge_F_all 
_reflns_shell.Rmerge_F_obs 
_reflns_shell.Rmerge_I_all 
_reflns_shell.meanI_over_sigI_all 
_reflns_shell.percent_possible_all 
_reflns_shell.pdbx_Rpim_I_all 
_reflns_shell.pdbx_ordinal 
_reflns_shell.pdbx_diffrn_id 
1.55 1.61  ? ? ? ? 0.129 13.5 ? 1.160 6.40 ? ? ? 905  ? ? ? ? 93.70  ? 1  1 
1.61 1.67  ? ? ? ? 0.118 ?    ? 1.168 7.70 ? ? ? 972  ? ? ? ? 99.70  ? 2  1 
1.67 1.75  ? ? ? ? 0.098 ?    ? 1.169 8.70 ? ? ? 964  ? ? ? ? 99.90  ? 3  1 
1.75 1.84  ? ? ? ? 0.077 ?    ? 1.064 9.10 ? ? ? 988  ? ? ? ? 100.00 ? 4  1 
1.84 1.95  ? ? ? ? 0.064 ?    ? 1.088 9.30 ? ? ? 982  ? ? ? ? 100.00 ? 5  1 
1.95 2.10  ? ? ? ? 0.054 ?    ? 1.039 9.40 ? ? ? 984  ? ? ? ? 100.00 ? 6  1 
2.10 2.32  ? ? ? ? 0.047 ?    ? 0.979 9.50 ? ? ? 994  ? ? ? ? 100.00 ? 7  1 
2.32 2.65  ? ? ? ? 0.042 ?    ? 1.105 9.50 ? ? ? 1014 ? ? ? ? 100.00 ? 8  1 
2.65 3.34  ? ? ? ? 0.038 ?    ? 1.082 9.30 ? ? ? 1023 ? ? ? ? 99.90  ? 9  1 
3.34 50.00 ? ? ? ? 0.042 ?    ? 1.076 8.80 ? ? ? 1085 ? ? ? ? 98.20  ? 10 1 
# 
_refine.entry_id                                 3DSO 
_refine.ls_d_res_high                            1.550 
_refine.ls_d_res_low                             15.80 
_refine.pdbx_ls_sigma_F                          0.00 
_refine.ls_percent_reflns_obs                    99.320 
_refine.ls_number_reflns_obs                     9875 
_refine.pdbx_ls_cross_valid_method               THROUGHOUT 
_refine.pdbx_R_Free_selection_details            RANDOM 
_refine.details                                  'HYDROGENS HAVE BEEN ADDED IN THE RIDING POSITIONS' 
_refine.ls_R_factor_obs                          0.203 
_refine.ls_R_factor_R_work                       0.203 
_refine.ls_R_factor_R_free                       0.212 
_refine.ls_percent_reflns_R_free                 4.700 
_refine.ls_number_reflns_R_free                  462 
_refine.B_iso_mean                               30.560 
_refine.aniso_B[1][1]                            -1.540 
_refine.aniso_B[2][2]                            -0.420 
_refine.aniso_B[3][3]                            1.970 
_refine.aniso_B[1][2]                            0.000 
_refine.aniso_B[1][3]                            0.000 
_refine.aniso_B[2][3]                            0.000 
_refine.correlation_coeff_Fo_to_Fc               0.953 
_refine.correlation_coeff_Fo_to_Fc_free          0.956 
_refine.pdbx_overall_ESU_R                       0.094 
_refine.pdbx_overall_ESU_R_Free                  0.085 
_refine.overall_SU_ML                            0.058 
_refine.overall_SU_B                             2.946 
_refine.solvent_model_details                    'BABINET MODEL WITH MASK' 
_refine.pdbx_solvent_vdw_probe_radii             1.200 
_refine.pdbx_solvent_ion_probe_radii             0.800 
_refine.pdbx_solvent_shrinkage_radii             0.800 
_refine.pdbx_method_to_determine_struct          SAD 
_refine.pdbx_stereochemistry_target_values       'MAXIMUM LIKELIHOOD' 
_refine.overall_FOM_work_R_set                   0.853 
_refine.B_iso_max                                54.94 
_refine.B_iso_min                                18.88 
_refine.occupancy_max                            1.00 
_refine.occupancy_min                            0.30 
_refine.pdbx_ls_sigma_I                          ? 
_refine.ls_number_reflns_all                     ? 
_refine.ls_R_factor_all                          ? 
_refine.ls_redundancy_reflns_obs                 ? 
_refine.pdbx_data_cutoff_high_absF               ? 
_refine.pdbx_data_cutoff_low_absF                ? 
_refine.ls_number_parameters                     ? 
_refine.ls_number_restraints                     ? 
_refine.ls_R_factor_R_free_error                 ? 
_refine.ls_R_factor_R_free_error_details         ? 
_refine.pdbx_starting_model                      ? 
_refine.pdbx_stereochem_target_val_spec_case     ? 
_refine.solvent_model_param_bsol                 ? 
_refine.solvent_model_param_ksol                 ? 
_refine.pdbx_isotropic_thermal_model             'Isotropic with TLS' 
_refine.overall_SU_R_Cruickshank_DPI             ? 
_refine.overall_SU_R_free                        ? 
_refine.pdbx_data_cutoff_high_rms_absF           ? 
_refine.ls_wR_factor_R_free                      ? 
_refine.ls_wR_factor_R_work                      ? 
_refine.overall_FOM_free_R_set                   ? 
_refine.pdbx_overall_phase_error                 ? 
_refine.pdbx_refine_id                           'X-RAY DIFFRACTION' 
_refine.pdbx_TLS_residual_ADP_flag               'LIKELY RESIDUAL' 
_refine.pdbx_diffrn_id                           1 
_refine.pdbx_overall_SU_R_free_Cruickshank_DPI   ? 
_refine.pdbx_overall_SU_R_Blow_DPI               ? 
_refine.pdbx_overall_SU_R_free_Blow_DPI          ? 
# 
_refine_hist.pdbx_refine_id                   'X-RAY DIFFRACTION' 
_refine_hist.cycle_id                         LAST 
_refine_hist.pdbx_number_atoms_protein        517 
_refine_hist.pdbx_number_atoms_nucleic_acid   0 
_refine_hist.pdbx_number_atoms_ligand         7 
_refine_hist.number_atoms_solvent             64 
_refine_hist.number_atoms_total               588 
_refine_hist.d_res_high                       1.550 
_refine_hist.d_res_low                        15.80 
# 
loop_
_refine_ls_restr.type 
_refine_ls_restr.number 
_refine_ls_restr.dev_ideal 
_refine_ls_restr.dev_ideal_target 
_refine_ls_restr.weight 
_refine_ls_restr.pdbx_refine_id 
_refine_ls_restr.pdbx_restraint_function 
r_bond_refined_d         544 0.014  0.022  ? 'X-RAY DIFFRACTION' ? 
r_bond_other_d           390 0.002  0.020  ? 'X-RAY DIFFRACTION' ? 
r_angle_refined_deg      721 1.582  1.983  ? 'X-RAY DIFFRACTION' ? 
r_angle_other_deg        965 0.848  3.000  ? 'X-RAY DIFFRACTION' ? 
r_dihedral_angle_1_deg   71  5.299  5.000  ? 'X-RAY DIFFRACTION' ? 
r_dihedral_angle_2_deg   24  26.193 26.250 ? 'X-RAY DIFFRACTION' ? 
r_dihedral_angle_3_deg   121 13.200 15.000 ? 'X-RAY DIFFRACTION' ? 
r_dihedral_angle_4_deg   2   27.023 15.000 ? 'X-RAY DIFFRACTION' ? 
r_chiral_restr           77  0.096  0.200  ? 'X-RAY DIFFRACTION' ? 
r_gen_planes_refined     590 0.006  0.020  ? 'X-RAY DIFFRACTION' ? 
r_gen_planes_other       96  0.001  0.020  ? 'X-RAY DIFFRACTION' ? 
r_nbd_refined            128 0.286  0.200  ? 'X-RAY DIFFRACTION' ? 
r_nbd_other              380 0.215  0.200  ? 'X-RAY DIFFRACTION' ? 
r_nbtor_refined          260 0.168  0.200  ? 'X-RAY DIFFRACTION' ? 
r_nbtor_other            298 0.086  0.200  ? 'X-RAY DIFFRACTION' ? 
r_xyhbond_nbd_refined    39  0.121  0.200  ? 'X-RAY DIFFRACTION' ? 
r_symmetry_vdw_refined   15  0.461  0.200  ? 'X-RAY DIFFRACTION' ? 
r_symmetry_vdw_other     23  0.377  0.200  ? 'X-RAY DIFFRACTION' ? 
r_symmetry_hbond_refined 9   0.173  0.200  ? 'X-RAY DIFFRACTION' ? 
r_mcbond_it              336 1.660  2.000  ? 'X-RAY DIFFRACTION' ? 
r_mcbond_other           140 0.548  2.000  ? 'X-RAY DIFFRACTION' ? 
r_mcangle_it             538 2.493  3.000  ? 'X-RAY DIFFRACTION' ? 
r_scbond_it              208 2.903  3.000  ? 'X-RAY DIFFRACTION' ? 
r_scangle_it             180 4.655  4.000  ? 'X-RAY DIFFRACTION' ? 
# 
_refine_ls_shell.d_res_high                       1.550 
_refine_ls_shell.d_res_low                        1.590 
_refine_ls_shell.pdbx_total_number_of_bins_used   20 
_refine_ls_shell.percent_reflns_obs               91.880 
_refine_ls_shell.number_reflns_R_work             639 
_refine_ls_shell.R_factor_all                     ? 
_refine_ls_shell.R_factor_R_work                  0.214 
_refine_ls_shell.R_factor_R_free                  0.236 
_refine_ls_shell.percent_reflns_R_free            ? 
_refine_ls_shell.number_reflns_R_free             29 
_refine_ls_shell.R_factor_R_free_error            ? 
_refine_ls_shell.number_reflns_all                668 
_refine_ls_shell.number_reflns_obs                668 
_refine_ls_shell.redundancy_reflns_obs            ? 
_refine_ls_shell.pdbx_refine_id                   'X-RAY DIFFRACTION' 
# 
_struct.entry_id                  3DSO 
_struct.title                     'Crystal structure of Cu(I) bound copper resistance protein CopK' 
_struct.pdbx_model_details        ? 
_struct.pdbx_CASP_flag            ? 
_struct.pdbx_model_type_details   ? 
# 
_struct_keywords.entry_id        3DSO 
_struct_keywords.text            'copper (I) bound, copper resistance, METAL BINDING PROTEIN' 
_struct_keywords.pdbx_keywords   'METAL BINDING PROTEIN' 
# 
loop_
_struct_asym.id 
_struct_asym.pdbx_blank_PDB_chainid_flag 
_struct_asym.pdbx_modified 
_struct_asym.entity_id 
_struct_asym.details 
A N N 1 ? 
B N N 2 ? 
C N N 3 ? 
D N N 3 ? 
E N N 4 ? 
# 
_struct_ref.id                         1 
_struct_ref.db_name                    UNP 
_struct_ref.db_code                    Q58AD3_RALME 
_struct_ref.pdbx_db_accession          Q58AD3 
_struct_ref.entity_id                  1 
_struct_ref.pdbx_seq_one_letter_code   VDMSNVVKTYDLQDGSKVHVFKDGKMGMENKFGKSMNMPEGKVMETRDGTKIIMKGNEIFRLDEALRKGHSEGG 
_struct_ref.pdbx_align_begin           21 
_struct_ref.pdbx_db_isoform            ? 
# 
_struct_ref_seq.align_id                      1 
_struct_ref_seq.ref_id                        1 
_struct_ref_seq.pdbx_PDB_id_code              3DSO 
_struct_ref_seq.pdbx_strand_id                A 
_struct_ref_seq.seq_align_beg                 1 
_struct_ref_seq.pdbx_seq_align_beg_ins_code   ? 
_struct_ref_seq.seq_align_end                 74 
_struct_ref_seq.pdbx_seq_align_end_ins_code   ? 
_struct_ref_seq.pdbx_db_accession             Q58AD3 
_struct_ref_seq.db_align_beg                  21 
_struct_ref_seq.pdbx_db_align_beg_ins_code    ? 
_struct_ref_seq.db_align_end                  94 
_struct_ref_seq.pdbx_db_align_end_ins_code    ? 
_struct_ref_seq.pdbx_auth_seq_align_beg       1 
_struct_ref_seq.pdbx_auth_seq_align_end       74 
# 
loop_
_pdbx_struct_assembly.id 
_pdbx_struct_assembly.details 
_pdbx_struct_assembly.method_details 
_pdbx_struct_assembly.oligomeric_details 
_pdbx_struct_assembly.oligomeric_count 
1 author_defined_assembly   ?    monomeric 1 
2 software_defined_assembly PISA dimeric   2 
# 
loop_
_pdbx_struct_assembly_prop.biol_id 
_pdbx_struct_assembly_prop.type 
_pdbx_struct_assembly_prop.value 
_pdbx_struct_assembly_prop.details 
2 'ABSA (A^2)' 2700 ? 
2 MORE         -49  ? 
2 'SSA (A^2)'  7870 ? 
# 
loop_
_pdbx_struct_assembly_gen.assembly_id 
_pdbx_struct_assembly_gen.oper_expression 
_pdbx_struct_assembly_gen.asym_id_list 
1 1   A,B,C,D,E 
2 1,2 A,B,C,D,E 
# 
loop_
_pdbx_struct_oper_list.id 
_pdbx_struct_oper_list.type 
_pdbx_struct_oper_list.name 
_pdbx_struct_oper_list.symmetry_operation 
_pdbx_struct_oper_list.matrix[1][1] 
_pdbx_struct_oper_list.matrix[1][2] 
_pdbx_struct_oper_list.matrix[1][3] 
_pdbx_struct_oper_list.vector[1] 
_pdbx_struct_oper_list.matrix[2][1] 
_pdbx_struct_oper_list.matrix[2][2] 
_pdbx_struct_oper_list.matrix[2][3] 
_pdbx_struct_oper_list.vector[2] 
_pdbx_struct_oper_list.matrix[3][1] 
_pdbx_struct_oper_list.matrix[3][2] 
_pdbx_struct_oper_list.matrix[3][3] 
_pdbx_struct_oper_list.vector[3] 
1 'identity operation'         1_555 x,y,z     1.0000000000  0.0000000000 0.0000000000  0.0000000000  0.0000000000 1.0000000000 0.0000000000  0.0000000000   0.0000000000  0.0000000000  1.0000000000  0.0000000000 
2 'crystal symmetry operation' 2_655 -x+1,-y,z -0.5919141267 0.7855977918 -0.1802048170 21.3680871837 0.7855977918 0.5123382870 -0.3469086179 -10.8286817641 -0.1802048170 -0.3469086179 -0.9204241602 1.1821328643 
# 
_struct_biol.id        1 
_struct_biol.details   ? 
# 
_struct_conf.conf_type_id            HELX_P 
_struct_conf.id                      HELX_P1 
_struct_conf.pdbx_PDB_helix_id       1 
_struct_conf.beg_label_comp_id       ASP 
_struct_conf.beg_label_asym_id       A 
_struct_conf.beg_label_seq_id        2 
_struct_conf.pdbx_beg_PDB_ins_code   ? 
_struct_conf.end_label_comp_id       SER 
_struct_conf.end_label_asym_id       A 
_struct_conf.end_label_seq_id        4 
_struct_conf.pdbx_end_PDB_ins_code   ? 
_struct_conf.beg_auth_comp_id        ASP 
_struct_conf.beg_auth_asym_id        A 
_struct_conf.beg_auth_seq_id         2 
_struct_conf.end_auth_comp_id        SER 
_struct_conf.end_auth_asym_id        A 
_struct_conf.end_auth_seq_id         4 
_struct_conf.pdbx_PDB_helix_class    5 
_struct_conf.details                 ? 
_struct_conf.pdbx_PDB_helix_length   3 
# 
_struct_conf_type.id          HELX_P 
_struct_conf_type.criteria    ? 
_struct_conf_type.reference   ? 
# 
_struct_conn.id                            metalc1 
_struct_conn.conn_type_id                  metalc 
_struct_conn.pdbx_leaving_atom_flag        ? 
_struct_conn.pdbx_PDB_id                   ? 
_struct_conn.ptnr1_label_asym_id           B 
_struct_conn.ptnr1_label_comp_id           CU1 
_struct_conn.ptnr1_label_seq_id            . 
_struct_conn.ptnr1_label_atom_id           CU 
_struct_conn.pdbx_ptnr1_label_alt_id       ? 
_struct_conn.pdbx_ptnr1_PDB_ins_code       ? 
_struct_conn.pdbx_ptnr1_standard_comp_id   ? 
_struct_conn.ptnr1_symmetry                1_555 
_struct_conn.ptnr2_label_asym_id           D 
_struct_conn.ptnr2_label_comp_id           SCN 
_struct_conn.ptnr2_label_seq_id            . 
_struct_conn.ptnr2_label_atom_id           N 
_struct_conn.pdbx_ptnr2_label_alt_id       ? 
_struct_conn.pdbx_ptnr2_PDB_ins_code       ? 
_struct_conn.ptnr1_auth_asym_id            A 
_struct_conn.ptnr1_auth_comp_id            CU1 
_struct_conn.ptnr1_auth_seq_id             101 
_struct_conn.ptnr2_auth_asym_id            A 
_struct_conn.ptnr2_auth_comp_id            SCN 
_struct_conn.ptnr2_auth_seq_id             301 
_struct_conn.ptnr2_symmetry                1_555 
_struct_conn.pdbx_ptnr3_label_atom_id      ? 
_struct_conn.pdbx_ptnr3_label_seq_id       ? 
_struct_conn.pdbx_ptnr3_label_comp_id      ? 
_struct_conn.pdbx_ptnr3_label_asym_id      ? 
_struct_conn.pdbx_ptnr3_label_alt_id       ? 
_struct_conn.pdbx_ptnr3_PDB_ins_code       ? 
_struct_conn.details                       ? 
_struct_conn.pdbx_dist_value               2.207 
_struct_conn.pdbx_value_order              ? 
_struct_conn.pdbx_role                     ? 
# 
_struct_conn_type.id          metalc 
_struct_conn_type.criteria    ? 
_struct_conn_type.reference   ? 
# 
loop_
_struct_sheet.id 
_struct_sheet.type 
_struct_sheet.number_strands 
_struct_sheet.details 
A ? 4 ? 
B ? 3 ? 
# 
loop_
_struct_sheet_order.sheet_id 
_struct_sheet_order.range_id_1 
_struct_sheet_order.range_id_2 
_struct_sheet_order.offset 
_struct_sheet_order.sense 
A 1 2 ? anti-parallel 
A 2 3 ? anti-parallel 
A 3 4 ? anti-parallel 
B 1 2 ? anti-parallel 
B 2 3 ? anti-parallel 
# 
loop_
_struct_sheet_range.sheet_id 
_struct_sheet_range.id 
_struct_sheet_range.beg_label_comp_id 
_struct_sheet_range.beg_label_asym_id 
_struct_sheet_range.beg_label_seq_id 
_struct_sheet_range.pdbx_beg_PDB_ins_code 
_struct_sheet_range.end_label_comp_id 
_struct_sheet_range.end_label_asym_id 
_struct_sheet_range.end_label_seq_id 
_struct_sheet_range.pdbx_end_PDB_ins_code 
_struct_sheet_range.beg_auth_comp_id 
_struct_sheet_range.beg_auth_asym_id 
_struct_sheet_range.beg_auth_seq_id 
_struct_sheet_range.end_auth_comp_id 
_struct_sheet_range.end_auth_asym_id 
_struct_sheet_range.end_auth_seq_id 
A 1 VAL A 6  ? ASP A 11 ? VAL A 6  ASP A 11 
A 2 LYS A 17 ? PHE A 21 ? LYS A 17 PHE A 21 
A 3 MET A 26 ? GLU A 29 ? MET A 26 GLU A 29 
A 4 SER A 35 ? MET A 36 ? SER A 35 MET A 36 
B 1 MET A 44 ? GLU A 45 ? MET A 44 GLU A 45 
B 2 LYS A 51 ? LYS A 55 ? LYS A 51 LYS A 55 
B 3 GLU A 58 ? ARG A 61 ? GLU A 58 ARG A 61 
# 
loop_
_pdbx_struct_sheet_hbond.sheet_id 
_pdbx_struct_sheet_hbond.range_id_1 
_pdbx_struct_sheet_hbond.range_id_2 
_pdbx_struct_sheet_hbond.range_1_label_atom_id 
_pdbx_struct_sheet_hbond.range_1_label_comp_id 
_pdbx_struct_sheet_hbond.range_1_label_asym_id 
_pdbx_struct_sheet_hbond.range_1_label_seq_id 
_pdbx_struct_sheet_hbond.range_1_PDB_ins_code 
_pdbx_struct_sheet_hbond.range_1_auth_atom_id 
_pdbx_struct_sheet_hbond.range_1_auth_comp_id 
_pdbx_struct_sheet_hbond.range_1_auth_asym_id 
_pdbx_struct_sheet_hbond.range_1_auth_seq_id 
_pdbx_struct_sheet_hbond.range_2_label_atom_id 
_pdbx_struct_sheet_hbond.range_2_label_comp_id 
_pdbx_struct_sheet_hbond.range_2_label_asym_id 
_pdbx_struct_sheet_hbond.range_2_label_seq_id 
_pdbx_struct_sheet_hbond.range_2_PDB_ins_code 
_pdbx_struct_sheet_hbond.range_2_auth_atom_id 
_pdbx_struct_sheet_hbond.range_2_auth_comp_id 
_pdbx_struct_sheet_hbond.range_2_auth_asym_id 
_pdbx_struct_sheet_hbond.range_2_auth_seq_id 
A 1 2 N LYS A 8  ? N LYS A 8  O VAL A 20 ? O VAL A 20 
A 2 3 N LYS A 17 ? N LYS A 17 O GLU A 29 ? O GLU A 29 
A 3 4 N MET A 28 ? N MET A 28 O MET A 36 ? O MET A 36 
B 1 2 N MET A 44 ? N MET A 44 O ILE A 52 ? O ILE A 52 
B 2 3 N ILE A 53 ? N ILE A 53 O PHE A 60 ? O PHE A 60 
# 
loop_
_struct_site.id 
_struct_site.pdbx_evidence_code 
_struct_site.pdbx_auth_asym_id 
_struct_site.pdbx_auth_comp_id 
_struct_site.pdbx_auth_seq_id 
_struct_site.pdbx_auth_ins_code 
_struct_site.pdbx_num_residues 
_struct_site.details 
AC1 Software A CU1 101 ? 4 'BINDING SITE FOR RESIDUE CU1 A 101' 
AC2 Software A SCN 201 ? 5 'BINDING SITE FOR RESIDUE SCN A 201' 
AC3 Software A SCN 301 ? 6 'BINDING SITE FOR RESIDUE SCN A 301' 
# 
loop_
_struct_site_gen.id 
_struct_site_gen.site_id 
_struct_site_gen.pdbx_num_res 
_struct_site_gen.label_comp_id 
_struct_site_gen.label_asym_id 
_struct_site_gen.label_seq_id 
_struct_site_gen.pdbx_auth_ins_code 
_struct_site_gen.auth_comp_id 
_struct_site_gen.auth_asym_id 
_struct_site_gen.auth_seq_id 
_struct_site_gen.label_atom_id 
_struct_site_gen.label_alt_id 
_struct_site_gen.symmetry 
_struct_site_gen.details 
1  AC1 4 MET A 26 ? MET A 26  . ? 1_555 ? 
2  AC1 4 MET A 38 ? MET A 38  . ? 1_555 ? 
3  AC1 4 MET A 54 ? MET A 54  . ? 1_555 ? 
4  AC1 4 SCN D .  ? SCN A 301 . ? 1_555 ? 
5  AC2 5 HIS A 19 ? HIS A 19  . ? 1_555 ? 
6  AC2 5 GLY A 27 ? GLY A 27  . ? 1_555 ? 
7  AC2 5 LYS A 31 ? LYS A 31  . ? 4_455 ? 
8  AC2 5 HOH E .  ? HOH A 312 . ? 1_555 ? 
9  AC2 5 HOH E .  ? HOH A 315 . ? 1_555 ? 
10 AC3 6 MET A 38 ? MET A 38  . ? 1_555 ? 
11 AC3 6 GLU A 40 ? GLU A 40  . ? 1_555 ? 
12 AC3 6 MET A 54 ? MET A 54  . ? 1_555 ? 
13 AC3 6 GLY A 56 ? GLY A 56  . ? 1_555 ? 
14 AC3 6 ASN A 57 ? ASN A 57  . ? 1_555 ? 
15 AC3 6 CU1 B .  ? CU1 A 101 . ? 1_555 ? 
# 
loop_
_pdbx_refine_tls.id 
_pdbx_refine_tls.details 
_pdbx_refine_tls.method 
_pdbx_refine_tls.origin_x 
_pdbx_refine_tls.origin_y 
_pdbx_refine_tls.origin_z 
_pdbx_refine_tls.T[1][1] 
_pdbx_refine_tls.T[2][2] 
_pdbx_refine_tls.T[3][3] 
_pdbx_refine_tls.T[1][2] 
_pdbx_refine_tls.T[1][3] 
_pdbx_refine_tls.T[2][3] 
_pdbx_refine_tls.L[1][1] 
_pdbx_refine_tls.L[2][2] 
_pdbx_refine_tls.L[3][3] 
_pdbx_refine_tls.L[1][2] 
_pdbx_refine_tls.L[1][3] 
_pdbx_refine_tls.L[2][3] 
_pdbx_refine_tls.S[1][1] 
_pdbx_refine_tls.S[2][2] 
_pdbx_refine_tls.S[3][3] 
_pdbx_refine_tls.S[1][2] 
_pdbx_refine_tls.S[1][3] 
_pdbx_refine_tls.S[2][3] 
_pdbx_refine_tls.S[2][1] 
_pdbx_refine_tls.S[3][1] 
_pdbx_refine_tls.S[3][2] 
_pdbx_refine_tls.pdbx_refine_id 
1 ? refined -4.9578 1.8855  -1.8600 -0.1001 -0.0934 -0.0709 -0.0194 0.0012 -0.0035 1.7186 2.9774 4.5867 -1.4488 0.7136  0.0743 0.0360 0.0141 -0.0499 0.0607 -0.1555 0.1071 -0.0635 0.1877  -0.1130 'X-RAY DIFFRACTION' 
2 ? refined 6.7419  -2.7476 2.5769  -0.0739 -0.0634 -0.0498 -0.0011 0.0124 0.0081  7.0866 4.9263 2.6079 -3.6082 -1.4716 1.7029 0.0251 0.0146 -0.0397 0.0625 -0.0461 0.0539 -0.0011 -0.0345 -0.1256 'X-RAY DIFFRACTION' 
# 
loop_
_pdbx_refine_tls_group.id 
_pdbx_refine_tls_group.refine_tls_id 
_pdbx_refine_tls_group.beg_auth_asym_id 
_pdbx_refine_tls_group.beg_auth_seq_id 
_pdbx_refine_tls_group.end_auth_asym_id 
_pdbx_refine_tls_group.end_auth_seq_id 
_pdbx_refine_tls_group.selection 
_pdbx_refine_tls_group.beg_label_asym_id 
_pdbx_refine_tls_group.beg_label_seq_id 
_pdbx_refine_tls_group.end_label_asym_id 
_pdbx_refine_tls_group.end_label_seq_id 
_pdbx_refine_tls_group.pdbx_refine_id 
_pdbx_refine_tls_group.selection_details 
1 1 A 1  A 38 ? A 1  A 38 'X-RAY DIFFRACTION' ? 
2 2 A 39 A 66 ? A 39 A 66 'X-RAY DIFFRACTION' ? 
# 
loop_
_pdbx_unobs_or_zero_occ_residues.id 
_pdbx_unobs_or_zero_occ_residues.PDB_model_num 
_pdbx_unobs_or_zero_occ_residues.polymer_flag 
_pdbx_unobs_or_zero_occ_residues.occupancy_flag 
_pdbx_unobs_or_zero_occ_residues.auth_asym_id 
_pdbx_unobs_or_zero_occ_residues.auth_comp_id 
_pdbx_unobs_or_zero_occ_residues.auth_seq_id 
_pdbx_unobs_or_zero_occ_residues.PDB_ins_code 
_pdbx_unobs_or_zero_occ_residues.label_asym_id 
_pdbx_unobs_or_zero_occ_residues.label_comp_id 
_pdbx_unobs_or_zero_occ_residues.label_seq_id 
1 1 Y 1 A ARG 67 ? A ARG 67 
2 1 Y 1 A LYS 68 ? A LYS 68 
3 1 Y 1 A GLY 69 ? A GLY 69 
4 1 Y 1 A HIS 70 ? A HIS 70 
5 1 Y 1 A SER 71 ? A SER 71 
6 1 Y 1 A GLU 72 ? A GLU 72 
7 1 Y 1 A GLY 73 ? A GLY 73 
8 1 Y 1 A GLY 74 ? A GLY 74 
# 
loop_
_chem_comp_atom.comp_id 
_chem_comp_atom.atom_id 
_chem_comp_atom.type_symbol 
_chem_comp_atom.pdbx_aromatic_flag 
_chem_comp_atom.pdbx_stereo_config 
_chem_comp_atom.pdbx_ordinal 
ALA N    N  N N 1   
ALA CA   C  N S 2   
ALA C    C  N N 3   
ALA O    O  N N 4   
ALA CB   C  N N 5   
ALA OXT  O  N N 6   
ALA H    H  N N 7   
ALA H2   H  N N 8   
ALA HA   H  N N 9   
ALA HB1  H  N N 10  
ALA HB2  H  N N 11  
ALA HB3  H  N N 12  
ALA HXT  H  N N 13  
ARG N    N  N N 14  
ARG CA   C  N S 15  
ARG C    C  N N 16  
ARG O    O  N N 17  
ARG CB   C  N N 18  
ARG CG   C  N N 19  
ARG CD   C  N N 20  
ARG NE   N  N N 21  
ARG CZ   C  N N 22  
ARG NH1  N  N N 23  
ARG NH2  N  N N 24  
ARG OXT  O  N N 25  
ARG H    H  N N 26  
ARG H2   H  N N 27  
ARG HA   H  N N 28  
ARG HB2  H  N N 29  
ARG HB3  H  N N 30  
ARG HG2  H  N N 31  
ARG HG3  H  N N 32  
ARG HD2  H  N N 33  
ARG HD3  H  N N 34  
ARG HE   H  N N 35  
ARG HH11 H  N N 36  
ARG HH12 H  N N 37  
ARG HH21 H  N N 38  
ARG HH22 H  N N 39  
ARG HXT  H  N N 40  
ASN N    N  N N 41  
ASN CA   C  N S 42  
ASN C    C  N N 43  
ASN O    O  N N 44  
ASN CB   C  N N 45  
ASN CG   C  N N 46  
ASN OD1  O  N N 47  
ASN ND2  N  N N 48  
ASN OXT  O  N N 49  
ASN H    H  N N 50  
ASN H2   H  N N 51  
ASN HA   H  N N 52  
ASN HB2  H  N N 53  
ASN HB3  H  N N 54  
ASN HD21 H  N N 55  
ASN HD22 H  N N 56  
ASN HXT  H  N N 57  
ASP N    N  N N 58  
ASP CA   C  N S 59  
ASP C    C  N N 60  
ASP O    O  N N 61  
ASP CB   C  N N 62  
ASP CG   C  N N 63  
ASP OD1  O  N N 64  
ASP OD2  O  N N 65  
ASP OXT  O  N N 66  
ASP H    H  N N 67  
ASP H2   H  N N 68  
ASP HA   H  N N 69  
ASP HB2  H  N N 70  
ASP HB3  H  N N 71  
ASP HD2  H  N N 72  
ASP HXT  H  N N 73  
CU1 CU   CU N N 74  
GLN N    N  N N 75  
GLN CA   C  N S 76  
GLN C    C  N N 77  
GLN O    O  N N 78  
GLN CB   C  N N 79  
GLN CG   C  N N 80  
GLN CD   C  N N 81  
GLN OE1  O  N N 82  
GLN NE2  N  N N 83  
GLN OXT  O  N N 84  
GLN H    H  N N 85  
GLN H2   H  N N 86  
GLN HA   H  N N 87  
GLN HB2  H  N N 88  
GLN HB3  H  N N 89  
GLN HG2  H  N N 90  
GLN HG3  H  N N 91  
GLN HE21 H  N N 92  
GLN HE22 H  N N 93  
GLN HXT  H  N N 94  
GLU N    N  N N 95  
GLU CA   C  N S 96  
GLU C    C  N N 97  
GLU O    O  N N 98  
GLU CB   C  N N 99  
GLU CG   C  N N 100 
GLU CD   C  N N 101 
GLU OE1  O  N N 102 
GLU OE2  O  N N 103 
GLU OXT  O  N N 104 
GLU H    H  N N 105 
GLU H2   H  N N 106 
GLU HA   H  N N 107 
GLU HB2  H  N N 108 
GLU HB3  H  N N 109 
GLU HG2  H  N N 110 
GLU HG3  H  N N 111 
GLU HE2  H  N N 112 
GLU HXT  H  N N 113 
GLY N    N  N N 114 
GLY CA   C  N N 115 
GLY C    C  N N 116 
GLY O    O  N N 117 
GLY OXT  O  N N 118 
GLY H    H  N N 119 
GLY H2   H  N N 120 
GLY HA2  H  N N 121 
GLY HA3  H  N N 122 
GLY HXT  H  N N 123 
HIS N    N  N N 124 
HIS CA   C  N S 125 
HIS C    C  N N 126 
HIS O    O  N N 127 
HIS CB   C  N N 128 
HIS CG   C  Y N 129 
HIS ND1  N  Y N 130 
HIS CD2  C  Y N 131 
HIS CE1  C  Y N 132 
HIS NE2  N  Y N 133 
HIS OXT  O  N N 134 
HIS H    H  N N 135 
HIS H2   H  N N 136 
HIS HA   H  N N 137 
HIS HB2  H  N N 138 
HIS HB3  H  N N 139 
HIS HD1  H  N N 140 
HIS HD2  H  N N 141 
HIS HE1  H  N N 142 
HIS HE2  H  N N 143 
HIS HXT  H  N N 144 
HOH O    O  N N 145 
HOH H1   H  N N 146 
HOH H2   H  N N 147 
ILE N    N  N N 148 
ILE CA   C  N S 149 
ILE C    C  N N 150 
ILE O    O  N N 151 
ILE CB   C  N S 152 
ILE CG1  C  N N 153 
ILE CG2  C  N N 154 
ILE CD1  C  N N 155 
ILE OXT  O  N N 156 
ILE H    H  N N 157 
ILE H2   H  N N 158 
ILE HA   H  N N 159 
ILE HB   H  N N 160 
ILE HG12 H  N N 161 
ILE HG13 H  N N 162 
ILE HG21 H  N N 163 
ILE HG22 H  N N 164 
ILE HG23 H  N N 165 
ILE HD11 H  N N 166 
ILE HD12 H  N N 167 
ILE HD13 H  N N 168 
ILE HXT  H  N N 169 
LEU N    N  N N 170 
LEU CA   C  N S 171 
LEU C    C  N N 172 
LEU O    O  N N 173 
LEU CB   C  N N 174 
LEU CG   C  N N 175 
LEU CD1  C  N N 176 
LEU CD2  C  N N 177 
LEU OXT  O  N N 178 
LEU H    H  N N 179 
LEU H2   H  N N 180 
LEU HA   H  N N 181 
LEU HB2  H  N N 182 
LEU HB3  H  N N 183 
LEU HG   H  N N 184 
LEU HD11 H  N N 185 
LEU HD12 H  N N 186 
LEU HD13 H  N N 187 
LEU HD21 H  N N 188 
LEU HD22 H  N N 189 
LEU HD23 H  N N 190 
LEU HXT  H  N N 191 
LYS N    N  N N 192 
LYS CA   C  N S 193 
LYS C    C  N N 194 
LYS O    O  N N 195 
LYS CB   C  N N 196 
LYS CG   C  N N 197 
LYS CD   C  N N 198 
LYS CE   C  N N 199 
LYS NZ   N  N N 200 
LYS OXT  O  N N 201 
LYS H    H  N N 202 
LYS H2   H  N N 203 
LYS HA   H  N N 204 
LYS HB2  H  N N 205 
LYS HB3  H  N N 206 
LYS HG2  H  N N 207 
LYS HG3  H  N N 208 
LYS HD2  H  N N 209 
LYS HD3  H  N N 210 
LYS HE2  H  N N 211 
LYS HE3  H  N N 212 
LYS HZ1  H  N N 213 
LYS HZ2  H  N N 214 
LYS HZ3  H  N N 215 
LYS HXT  H  N N 216 
MET N    N  N N 217 
MET CA   C  N S 218 
MET C    C  N N 219 
MET O    O  N N 220 
MET CB   C  N N 221 
MET CG   C  N N 222 
MET SD   S  N N 223 
MET CE   C  N N 224 
MET OXT  O  N N 225 
MET H    H  N N 226 
MET H2   H  N N 227 
MET HA   H  N N 228 
MET HB2  H  N N 229 
MET HB3  H  N N 230 
MET HG2  H  N N 231 
MET HG3  H  N N 232 
MET HE1  H  N N 233 
MET HE2  H  N N 234 
MET HE3  H  N N 235 
MET HXT  H  N N 236 
PHE N    N  N N 237 
PHE CA   C  N S 238 
PHE C    C  N N 239 
PHE O    O  N N 240 
PHE CB   C  N N 241 
PHE CG   C  Y N 242 
PHE CD1  C  Y N 243 
PHE CD2  C  Y N 244 
PHE CE1  C  Y N 245 
PHE CE2  C  Y N 246 
PHE CZ   C  Y N 247 
PHE OXT  O  N N 248 
PHE H    H  N N 249 
PHE H2   H  N N 250 
PHE HA   H  N N 251 
PHE HB2  H  N N 252 
PHE HB3  H  N N 253 
PHE HD1  H  N N 254 
PHE HD2  H  N N 255 
PHE HE1  H  N N 256 
PHE HE2  H  N N 257 
PHE HZ   H  N N 258 
PHE HXT  H  N N 259 
PRO N    N  N N 260 
PRO CA   C  N S 261 
PRO C    C  N N 262 
PRO O    O  N N 263 
PRO CB   C  N N 264 
PRO CG   C  N N 265 
PRO CD   C  N N 266 
PRO OXT  O  N N 267 
PRO H    H  N N 268 
PRO HA   H  N N 269 
PRO HB2  H  N N 270 
PRO HB3  H  N N 271 
PRO HG2  H  N N 272 
PRO HG3  H  N N 273 
PRO HD2  H  N N 274 
PRO HD3  H  N N 275 
PRO HXT  H  N N 276 
SCN S    S  N N 277 
SCN C    C  N N 278 
SCN N    N  N N 279 
SER N    N  N N 280 
SER CA   C  N S 281 
SER C    C  N N 282 
SER O    O  N N 283 
SER CB   C  N N 284 
SER OG   O  N N 285 
SER OXT  O  N N 286 
SER H    H  N N 287 
SER H2   H  N N 288 
SER HA   H  N N 289 
SER HB2  H  N N 290 
SER HB3  H  N N 291 
SER HG   H  N N 292 
SER HXT  H  N N 293 
THR N    N  N N 294 
THR CA   C  N S 295 
THR C    C  N N 296 
THR O    O  N N 297 
THR CB   C  N R 298 
THR OG1  O  N N 299 
THR CG2  C  N N 300 
THR OXT  O  N N 301 
THR H    H  N N 302 
THR H2   H  N N 303 
THR HA   H  N N 304 
THR HB   H  N N 305 
THR HG1  H  N N 306 
THR HG21 H  N N 307 
THR HG22 H  N N 308 
THR HG23 H  N N 309 
THR HXT  H  N N 310 
TYR N    N  N N 311 
TYR CA   C  N S 312 
TYR C    C  N N 313 
TYR O    O  N N 314 
TYR CB   C  N N 315 
TYR CG   C  Y N 316 
TYR CD1  C  Y N 317 
TYR CD2  C  Y N 318 
TYR CE1  C  Y N 319 
TYR CE2  C  Y N 320 
TYR CZ   C  Y N 321 
TYR OH   O  N N 322 
TYR OXT  O  N N 323 
TYR H    H  N N 324 
TYR H2   H  N N 325 
TYR HA   H  N N 326 
TYR HB2  H  N N 327 
TYR HB3  H  N N 328 
TYR HD1  H  N N 329 
TYR HD2  H  N N 330 
TYR HE1  H  N N 331 
TYR HE2  H  N N 332 
TYR HH   H  N N 333 
TYR HXT  H  N N 334 
VAL N    N  N N 335 
VAL CA   C  N S 336 
VAL C    C  N N 337 
VAL O    O  N N 338 
VAL CB   C  N N 339 
VAL CG1  C  N N 340 
VAL CG2  C  N N 341 
VAL OXT  O  N N 342 
VAL H    H  N N 343 
VAL H2   H  N N 344 
VAL HA   H  N N 345 
VAL HB   H  N N 346 
VAL HG11 H  N N 347 
VAL HG12 H  N N 348 
VAL HG13 H  N N 349 
VAL HG21 H  N N 350 
VAL HG22 H  N N 351 
VAL HG23 H  N N 352 
VAL HXT  H  N N 353 
# 
loop_
_chem_comp_bond.comp_id 
_chem_comp_bond.atom_id_1 
_chem_comp_bond.atom_id_2 
_chem_comp_bond.value_order 
_chem_comp_bond.pdbx_aromatic_flag 
_chem_comp_bond.pdbx_stereo_config 
_chem_comp_bond.pdbx_ordinal 
ALA N   CA   sing N N 1   
ALA N   H    sing N N 2   
ALA N   H2   sing N N 3   
ALA CA  C    sing N N 4   
ALA CA  CB   sing N N 5   
ALA CA  HA   sing N N 6   
ALA C   O    doub N N 7   
ALA C   OXT  sing N N 8   
ALA CB  HB1  sing N N 9   
ALA CB  HB2  sing N N 10  
ALA CB  HB3  sing N N 11  
ALA OXT HXT  sing N N 12  
ARG N   CA   sing N N 13  
ARG N   H    sing N N 14  
ARG N   H2   sing N N 15  
ARG CA  C    sing N N 16  
ARG CA  CB   sing N N 17  
ARG CA  HA   sing N N 18  
ARG C   O    doub N N 19  
ARG C   OXT  sing N N 20  
ARG CB  CG   sing N N 21  
ARG CB  HB2  sing N N 22  
ARG CB  HB3  sing N N 23  
ARG CG  CD   sing N N 24  
ARG CG  HG2  sing N N 25  
ARG CG  HG3  sing N N 26  
ARG CD  NE   sing N N 27  
ARG CD  HD2  sing N N 28  
ARG CD  HD3  sing N N 29  
ARG NE  CZ   sing N N 30  
ARG NE  HE   sing N N 31  
ARG CZ  NH1  sing N N 32  
ARG CZ  NH2  doub N N 33  
ARG NH1 HH11 sing N N 34  
ARG NH1 HH12 sing N N 35  
ARG NH2 HH21 sing N N 36  
ARG NH2 HH22 sing N N 37  
ARG OXT HXT  sing N N 38  
ASN N   CA   sing N N 39  
ASN N   H    sing N N 40  
ASN N   H2   sing N N 41  
ASN CA  C    sing N N 42  
ASN CA  CB   sing N N 43  
ASN CA  HA   sing N N 44  
ASN C   O    doub N N 45  
ASN C   OXT  sing N N 46  
ASN CB  CG   sing N N 47  
ASN CB  HB2  sing N N 48  
ASN CB  HB3  sing N N 49  
ASN CG  OD1  doub N N 50  
ASN CG  ND2  sing N N 51  
ASN ND2 HD21 sing N N 52  
ASN ND2 HD22 sing N N 53  
ASN OXT HXT  sing N N 54  
ASP N   CA   sing N N 55  
ASP N   H    sing N N 56  
ASP N   H2   sing N N 57  
ASP CA  C    sing N N 58  
ASP CA  CB   sing N N 59  
ASP CA  HA   sing N N 60  
ASP C   O    doub N N 61  
ASP C   OXT  sing N N 62  
ASP CB  CG   sing N N 63  
ASP CB  HB2  sing N N 64  
ASP CB  HB3  sing N N 65  
ASP CG  OD1  doub N N 66  
ASP CG  OD2  sing N N 67  
ASP OD2 HD2  sing N N 68  
ASP OXT HXT  sing N N 69  
GLN N   CA   sing N N 70  
GLN N   H    sing N N 71  
GLN N   H2   sing N N 72  
GLN CA  C    sing N N 73  
GLN CA  CB   sing N N 74  
GLN CA  HA   sing N N 75  
GLN C   O    doub N N 76  
GLN C   OXT  sing N N 77  
GLN CB  CG   sing N N 78  
GLN CB  HB2  sing N N 79  
GLN CB  HB3  sing N N 80  
GLN CG  CD   sing N N 81  
GLN CG  HG2  sing N N 82  
GLN CG  HG3  sing N N 83  
GLN CD  OE1  doub N N 84  
GLN CD  NE2  sing N N 85  
GLN NE2 HE21 sing N N 86  
GLN NE2 HE22 sing N N 87  
GLN OXT HXT  sing N N 88  
GLU N   CA   sing N N 89  
GLU N   H    sing N N 90  
GLU N   H2   sing N N 91  
GLU CA  C    sing N N 92  
GLU CA  CB   sing N N 93  
GLU CA  HA   sing N N 94  
GLU C   O    doub N N 95  
GLU C   OXT  sing N N 96  
GLU CB  CG   sing N N 97  
GLU CB  HB2  sing N N 98  
GLU CB  HB3  sing N N 99  
GLU CG  CD   sing N N 100 
GLU CG  HG2  sing N N 101 
GLU CG  HG3  sing N N 102 
GLU CD  OE1  doub N N 103 
GLU CD  OE2  sing N N 104 
GLU OE2 HE2  sing N N 105 
GLU OXT HXT  sing N N 106 
GLY N   CA   sing N N 107 
GLY N   H    sing N N 108 
GLY N   H2   sing N N 109 
GLY CA  C    sing N N 110 
GLY CA  HA2  sing N N 111 
GLY CA  HA3  sing N N 112 
GLY C   O    doub N N 113 
GLY C   OXT  sing N N 114 
GLY OXT HXT  sing N N 115 
HIS N   CA   sing N N 116 
HIS N   H    sing N N 117 
HIS N   H2   sing N N 118 
HIS CA  C    sing N N 119 
HIS CA  CB   sing N N 120 
HIS CA  HA   sing N N 121 
HIS C   O    doub N N 122 
HIS C   OXT  sing N N 123 
HIS CB  CG   sing N N 124 
HIS CB  HB2  sing N N 125 
HIS CB  HB3  sing N N 126 
HIS CG  ND1  sing Y N 127 
HIS CG  CD2  doub Y N 128 
HIS ND1 CE1  doub Y N 129 
HIS ND1 HD1  sing N N 130 
HIS CD2 NE2  sing Y N 131 
HIS CD2 HD2  sing N N 132 
HIS CE1 NE2  sing Y N 133 
HIS CE1 HE1  sing N N 134 
HIS NE2 HE2  sing N N 135 
HIS OXT HXT  sing N N 136 
HOH O   H1   sing N N 137 
HOH O   H2   sing N N 138 
ILE N   CA   sing N N 139 
ILE N   H    sing N N 140 
ILE N   H2   sing N N 141 
ILE CA  C    sing N N 142 
ILE CA  CB   sing N N 143 
ILE CA  HA   sing N N 144 
ILE C   O    doub N N 145 
ILE C   OXT  sing N N 146 
ILE CB  CG1  sing N N 147 
ILE CB  CG2  sing N N 148 
ILE CB  HB   sing N N 149 
ILE CG1 CD1  sing N N 150 
ILE CG1 HG12 sing N N 151 
ILE CG1 HG13 sing N N 152 
ILE CG2 HG21 sing N N 153 
ILE CG2 HG22 sing N N 154 
ILE CG2 HG23 sing N N 155 
ILE CD1 HD11 sing N N 156 
ILE CD1 HD12 sing N N 157 
ILE CD1 HD13 sing N N 158 
ILE OXT HXT  sing N N 159 
LEU N   CA   sing N N 160 
LEU N   H    sing N N 161 
LEU N   H2   sing N N 162 
LEU CA  C    sing N N 163 
LEU CA  CB   sing N N 164 
LEU CA  HA   sing N N 165 
LEU C   O    doub N N 166 
LEU C   OXT  sing N N 167 
LEU CB  CG   sing N N 168 
LEU CB  HB2  sing N N 169 
LEU CB  HB3  sing N N 170 
LEU CG  CD1  sing N N 171 
LEU CG  CD2  sing N N 172 
LEU CG  HG   sing N N 173 
LEU CD1 HD11 sing N N 174 
LEU CD1 HD12 sing N N 175 
LEU CD1 HD13 sing N N 176 
LEU CD2 HD21 sing N N 177 
LEU CD2 HD22 sing N N 178 
LEU CD2 HD23 sing N N 179 
LEU OXT HXT  sing N N 180 
LYS N   CA   sing N N 181 
LYS N   H    sing N N 182 
LYS N   H2   sing N N 183 
LYS CA  C    sing N N 184 
LYS CA  CB   sing N N 185 
LYS CA  HA   sing N N 186 
LYS C   O    doub N N 187 
LYS C   OXT  sing N N 188 
LYS CB  CG   sing N N 189 
LYS CB  HB2  sing N N 190 
LYS CB  HB3  sing N N 191 
LYS CG  CD   sing N N 192 
LYS CG  HG2  sing N N 193 
LYS CG  HG3  sing N N 194 
LYS CD  CE   sing N N 195 
LYS CD  HD2  sing N N 196 
LYS CD  HD3  sing N N 197 
LYS CE  NZ   sing N N 198 
LYS CE  HE2  sing N N 199 
LYS CE  HE3  sing N N 200 
LYS NZ  HZ1  sing N N 201 
LYS NZ  HZ2  sing N N 202 
LYS NZ  HZ3  sing N N 203 
LYS OXT HXT  sing N N 204 
MET N   CA   sing N N 205 
MET N   H    sing N N 206 
MET N   H2   sing N N 207 
MET CA  C    sing N N 208 
MET CA  CB   sing N N 209 
MET CA  HA   sing N N 210 
MET C   O    doub N N 211 
MET C   OXT  sing N N 212 
MET CB  CG   sing N N 213 
MET CB  HB2  sing N N 214 
MET CB  HB3  sing N N 215 
MET CG  SD   sing N N 216 
MET CG  HG2  sing N N 217 
MET CG  HG3  sing N N 218 
MET SD  CE   sing N N 219 
MET CE  HE1  sing N N 220 
MET CE  HE2  sing N N 221 
MET CE  HE3  sing N N 222 
MET OXT HXT  sing N N 223 
PHE N   CA   sing N N 224 
PHE N   H    sing N N 225 
PHE N   H2   sing N N 226 
PHE CA  C    sing N N 227 
PHE CA  CB   sing N N 228 
PHE CA  HA   sing N N 229 
PHE C   O    doub N N 230 
PHE C   OXT  sing N N 231 
PHE CB  CG   sing N N 232 
PHE CB  HB2  sing N N 233 
PHE CB  HB3  sing N N 234 
PHE CG  CD1  doub Y N 235 
PHE CG  CD2  sing Y N 236 
PHE CD1 CE1  sing Y N 237 
PHE CD1 HD1  sing N N 238 
PHE CD2 CE2  doub Y N 239 
PHE CD2 HD2  sing N N 240 
PHE CE1 CZ   doub Y N 241 
PHE CE1 HE1  sing N N 242 
PHE CE2 CZ   sing Y N 243 
PHE CE2 HE2  sing N N 244 
PHE CZ  HZ   sing N N 245 
PHE OXT HXT  sing N N 246 
PRO N   CA   sing N N 247 
PRO N   CD   sing N N 248 
PRO N   H    sing N N 249 
PRO CA  C    sing N N 250 
PRO CA  CB   sing N N 251 
PRO CA  HA   sing N N 252 
PRO C   O    doub N N 253 
PRO C   OXT  sing N N 254 
PRO CB  CG   sing N N 255 
PRO CB  HB2  sing N N 256 
PRO CB  HB3  sing N N 257 
PRO CG  CD   sing N N 258 
PRO CG  HG2  sing N N 259 
PRO CG  HG3  sing N N 260 
PRO CD  HD2  sing N N 261 
PRO CD  HD3  sing N N 262 
PRO OXT HXT  sing N N 263 
SCN S   C    sing N N 264 
SCN C   N    trip N N 265 
SER N   CA   sing N N 266 
SER N   H    sing N N 267 
SER N   H2   sing N N 268 
SER CA  C    sing N N 269 
SER CA  CB   sing N N 270 
SER CA  HA   sing N N 271 
SER C   O    doub N N 272 
SER C   OXT  sing N N 273 
SER CB  OG   sing N N 274 
SER CB  HB2  sing N N 275 
SER CB  HB3  sing N N 276 
SER OG  HG   sing N N 277 
SER OXT HXT  sing N N 278 
THR N   CA   sing N N 279 
THR N   H    sing N N 280 
THR N   H2   sing N N 281 
THR CA  C    sing N N 282 
THR CA  CB   sing N N 283 
THR CA  HA   sing N N 284 
THR C   O    doub N N 285 
THR C   OXT  sing N N 286 
THR CB  OG1  sing N N 287 
THR CB  CG2  sing N N 288 
THR CB  HB   sing N N 289 
THR OG1 HG1  sing N N 290 
THR CG2 HG21 sing N N 291 
THR CG2 HG22 sing N N 292 
THR CG2 HG23 sing N N 293 
THR OXT HXT  sing N N 294 
TYR N   CA   sing N N 295 
TYR N   H    sing N N 296 
TYR N   H2   sing N N 297 
TYR CA  C    sing N N 298 
TYR CA  CB   sing N N 299 
TYR CA  HA   sing N N 300 
TYR C   O    doub N N 301 
TYR C   OXT  sing N N 302 
TYR CB  CG   sing N N 303 
TYR CB  HB2  sing N N 304 
TYR CB  HB3  sing N N 305 
TYR CG  CD1  doub Y N 306 
TYR CG  CD2  sing Y N 307 
TYR CD1 CE1  sing Y N 308 
TYR CD1 HD1  sing N N 309 
TYR CD2 CE2  doub Y N 310 
TYR CD2 HD2  sing N N 311 
TYR CE1 CZ   doub Y N 312 
TYR CE1 HE1  sing N N 313 
TYR CE2 CZ   sing Y N 314 
TYR CE2 HE2  sing N N 315 
TYR CZ  OH   sing N N 316 
TYR OH  HH   sing N N 317 
TYR OXT HXT  sing N N 318 
VAL N   CA   sing N N 319 
VAL N   H    sing N N 320 
VAL N   H2   sing N N 321 
VAL CA  C    sing N N 322 
VAL CA  CB   sing N N 323 
VAL CA  HA   sing N N 324 
VAL C   O    doub N N 325 
VAL C   OXT  sing N N 326 
VAL CB  CG1  sing N N 327 
VAL CB  CG2  sing N N 328 
VAL CB  HB   sing N N 329 
VAL CG1 HG11 sing N N 330 
VAL CG1 HG12 sing N N 331 
VAL CG1 HG13 sing N N 332 
VAL CG2 HG21 sing N N 333 
VAL CG2 HG22 sing N N 334 
VAL CG2 HG23 sing N N 335 
VAL OXT HXT  sing N N 336 
# 
_atom_sites.entry_id                    3DSO 
_atom_sites.fract_transf_matrix[1][1]   0.00945647 
_atom_sites.fract_transf_matrix[1][2]   0.00186150 
_atom_sites.fract_transf_matrix[1][3]   0.02952998 
_atom_sites.fract_transf_matrix[2][1]   -0.00990408 
_atom_sites.fract_transf_matrix[2][2]   0.00578858 
_atom_sites.fract_transf_matrix[2][3]   0.00280671 
_atom_sites.fract_transf_matrix[3][1]   -0.01909022 
_atom_sites.fract_transf_matrix[3][2]   -0.03675018 
_atom_sites.fract_transf_matrix[3][3]   0.00842996 
_atom_sites.fract_transf_vector[1]      0.391597 
_atom_sites.fract_transf_vector[2]      0.135498 
_atom_sites.fract_transf_vector[3]      0.189676 
# 
loop_
_atom_type.symbol 
C  
CU 
N  
O  
S  
# 
loop_
_atom_site.group_PDB 
_atom_site.id 
_atom_site.type_symbol 
_atom_site.label_atom_id 
_atom_site.label_alt_id 
_atom_site.label_comp_id 
_atom_site.label_asym_id 
_atom_site.label_entity_id 
_atom_site.label_seq_id 
_atom_site.pdbx_PDB_ins_code 
_atom_site.Cartn_x 
_atom_site.Cartn_y 
_atom_site.Cartn_z 
_atom_site.occupancy 
_atom_site.B_iso_or_equiv 
_atom_site.pdbx_formal_charge 
_atom_site.auth_seq_id 
_atom_site.auth_comp_id 
_atom_site.auth_asym_id 
_atom_site.auth_atom_id 
_atom_site.pdbx_PDB_model_num 
ATOM   1   N  N   . VAL A 1 1  ? -12.892 3.782   -4.478  1.00 35.19 ? 1   VAL A N   1 
ATOM   2   C  CA  . VAL A 1 1  ? -11.926 2.786   -5.047  1.00 34.97 ? 1   VAL A CA  1 
ATOM   3   C  C   . VAL A 1 1  ? -12.748 1.631   -5.606  1.00 36.03 ? 1   VAL A C   1 
ATOM   4   O  O   . VAL A 1 1  ? -13.739 1.265   -4.995  1.00 37.83 ? 1   VAL A O   1 
ATOM   5   C  CB  . VAL A 1 1  ? -10.986 2.227   -3.958  1.00 34.53 ? 1   VAL A CB  1 
ATOM   6   C  CG1 . VAL A 1 1  ? -10.041 1.222   -4.567  1.00 34.13 ? 1   VAL A CG1 1 
ATOM   7   C  CG2 . VAL A 1 1  ? -10.253 3.357   -3.253  1.00 36.59 ? 1   VAL A CG2 1 
ATOM   8   N  N   . ASP A 1 2  ? -12.299 1.049   -6.721  1.00 35.47 ? 2   ASP A N   1 
ATOM   9   C  CA  . ASP A 1 2  ? -12.998 -0.035  -7.434  1.00 36.63 ? 2   ASP A CA  1 
ATOM   10  C  C   . ASP A 1 2  ? -12.526 -1.353  -6.840  1.00 35.48 ? 2   ASP A C   1 
ATOM   11  O  O   . ASP A 1 2  ? -11.673 -2.046  -7.408  1.00 32.55 ? 2   ASP A O   1 
ATOM   12  C  CB  . ASP A 1 2  ? -12.681 0.080   -8.941  1.00 37.23 ? 2   ASP A CB  1 
ATOM   13  C  CG  . ASP A 1 2  ? -13.275 -1.033  -9.789  1.00 41.40 ? 2   ASP A CG  1 
ATOM   14  O  OD1 . ASP A 1 2  ? -14.117 -1.825  -9.298  1.00 37.06 ? 2   ASP A OD1 1 
ATOM   15  O  OD2 . ASP A 1 2  ? -12.862 -1.102  -10.975 1.00 41.87 ? 2   ASP A OD2 1 
ATOM   16  N  N   . MET A 1 3  ? -13.059 -1.671  -5.666  1.00 32.75 ? 3   MET A N   1 
ATOM   17  C  CA  . MET A 1 3  ? -12.490 -2.724  -4.843  1.00 31.15 ? 3   MET A CA  1 
ATOM   18  C  C   . MET A 1 3  ? -12.664 -4.091  -5.461  1.00 30.27 ? 3   MET A C   1 
ATOM   19  O  O   . MET A 1 3  ? -11.943 -5.013  -5.118  1.00 30.90 ? 3   MET A O   1 
ATOM   20  C  CB  . MET A 1 3  ? -13.068 -2.734  -3.439  1.00 31.98 ? 3   MET A CB  1 
ATOM   21  C  CG  . MET A 1 3  ? -12.800 -1.449  -2.641  1.00 29.09 ? 3   MET A CG  1 
ATOM   22  S  SD  . MET A 1 3  ? -11.089 -1.233  -2.193  1.00 35.84 ? 3   MET A SD  1 
ATOM   23  C  CE  . MET A 1 3  ? -10.814 -2.607  -1.099  1.00 33.23 ? 3   MET A CE  1 
ATOM   24  N  N   . SER A 1 4  ? -13.649 -4.252  -6.342  1.00 31.30 ? 4   SER A N   1 
ATOM   25  C  CA  . SER A 1 4  ? -13.771 -5.501  -7.059  1.00 31.94 ? 4   SER A CA  1 
ATOM   26  C  C   . SER A 1 4  ? -12.557 -5.851  -7.926  1.00 31.83 ? 4   SER A C   1 
ATOM   27  O  O   . SER A 1 4  ? -12.357 -7.021  -8.243  1.00 32.76 ? 4   SER A O   1 
ATOM   28  C  CB  . SER A 1 4  ? -15.047 -5.484  -7.899  1.00 31.40 ? 4   SER A CB  1 
ATOM   29  O  OG  . SER A 1 4  ? -16.169 -5.614  -7.043  1.00 37.27 ? 4   SER A OG  1 
ATOM   30  N  N   . ASN A 1 5  ? -11.760 -4.855  -8.326  1.00 29.36 ? 5   ASN A N   1 
ATOM   31  C  CA  . ASN A 1 5  ? -10.527 -5.151  -9.101  1.00 29.73 ? 5   ASN A CA  1 
ATOM   32  C  C   . ASN A 1 5  ? -9.243  -4.942  -8.285  1.00 28.69 ? 5   ASN A C   1 
ATOM   33  O  O   . ASN A 1 5  ? -8.121  -5.002  -8.820  1.00 27.42 ? 5   ASN A O   1 
ATOM   34  C  CB  . ASN A 1 5  ? -10.479 -4.333  -10.396 1.00 30.33 ? 5   ASN A CB  1 
ATOM   35  C  CG  . ASN A 1 5  ? -11.495 -4.808  -11.428 1.00 31.89 ? 5   ASN A CG  1 
ATOM   36  O  OD1 . ASN A 1 5  ? -11.581 -6.002  -11.734 1.00 31.53 ? 5   ASN A OD1 1 
ATOM   37  N  ND2 . ASN A 1 5  ? -12.254 -3.875  -11.982 1.00 36.30 ? 5   ASN A ND2 1 
ATOM   38  N  N   . VAL A 1 6  ? -9.418  -4.745  -6.987  1.00 28.09 ? 6   VAL A N   1 
ATOM   39  C  CA  . VAL A 1 6  ? -8.304  -4.724  -6.049  1.00 27.92 ? 6   VAL A CA  1 
ATOM   40  C  C   . VAL A 1 6  ? -7.995  -6.127  -5.549  1.00 27.58 ? 6   VAL A C   1 
ATOM   41  O  O   . VAL A 1 6  ? -8.898  -6.838  -5.048  1.00 31.00 ? 6   VAL A O   1 
ATOM   42  C  CB  . VAL A 1 6  ? -8.622  -3.808  -4.852  1.00 27.23 ? 6   VAL A CB  1 
ATOM   43  C  CG1 . VAL A 1 6  ? -7.544  -3.925  -3.766  1.00 28.70 ? 6   VAL A CG1 1 
ATOM   44  C  CG2 . VAL A 1 6  ? -8.792  -2.349  -5.327  1.00 27.95 ? 6   VAL A CG2 1 
ATOM   45  N  N   . VAL A 1 7  ? -6.734  -6.538  -5.686  1.00 25.86 ? 7   VAL A N   1 
ATOM   46  C  CA  . VAL A 1 7  ? -6.315  -7.864  -5.235  1.00 28.38 ? 7   VAL A CA  1 
ATOM   47  C  C   . VAL A 1 7  ? -5.702  -7.852  -3.833  1.00 25.71 ? 7   VAL A C   1 
ATOM   48  O  O   . VAL A 1 7  ? -5.744  -8.855  -3.124  1.00 27.01 ? 7   VAL A O   1 
ATOM   49  C  CB  . VAL A 1 7  ? -5.345  -8.492  -6.220  1.00 27.65 ? 7   VAL A CB  1 
ATOM   50  C  CG1 . VAL A 1 7  ? -6.040  -8.667  -7.593  1.00 30.55 ? 7   VAL A CG1 1 
ATOM   51  C  CG2 . VAL A 1 7  ? -4.082  -7.698  -6.341  1.00 29.43 ? 7   VAL A CG2 1 
ATOM   52  N  N   . LYS A 1 8  ? -5.136  -6.717  -3.426  1.00 24.73 ? 8   LYS A N   1 
ATOM   53  C  CA  . LYS A 1 8  ? -4.569  -6.586  -2.091  1.00 23.36 ? 8   LYS A CA  1 
ATOM   54  C  C   . LYS A 1 8  ? -4.621  -5.132  -1.663  1.00 24.51 ? 8   LYS A C   1 
ATOM   55  O  O   . LYS A 1 8  ? -4.394  -4.229  -2.477  1.00 26.27 ? 8   LYS A O   1 
ATOM   56  C  CB  . LYS A 1 8  ? -3.131  -7.142  -1.979  1.00 25.46 ? 8   LYS A CB  1 
ATOM   57  C  CG  . LYS A 1 8  ? -2.628  -7.195  -0.539  1.00 26.82 ? 8   LYS A CG  1 
ATOM   58  C  CD  . LYS A 1 8  ? -1.528  -8.244  -0.290  1.00 27.98 ? 8   LYS A CD  1 
ATOM   59  C  CE  . LYS A 1 8  ? -0.993  -8.187  1.143   1.00 32.08 ? 8   LYS A CE  1 
ATOM   60  N  NZ  . LYS A 1 8  ? 0.156   -9.184  1.356   1.00 32.84 ? 8   LYS A NZ  1 
ATOM   61  N  N   . THR A 1 9  ? -4.972  -4.921  -0.396  1.00 24.89 ? 9   THR A N   1 
ATOM   62  C  CA  . THR A 1 9  ? -4.891  -3.587  0.216   1.00 24.64 ? 9   THR A CA  1 
ATOM   63  C  C   . THR A 1 9  ? -3.946  -3.670  1.413   1.00 25.85 ? 9   THR A C   1 
ATOM   64  O  O   . THR A 1 9  ? -4.014  -4.621  2.193   1.00 25.07 ? 9   THR A O   1 
ATOM   65  C  CB  . THR A 1 9  ? -6.290  -3.125  0.705   1.00 26.58 ? 9   THR A CB  1 
ATOM   66  O  OG1 . THR A 1 9  ? -7.125  -2.973  -0.463  1.00 26.32 ? 9   THR A OG1 1 
ATOM   67  C  CG2 . THR A 1 9  ? -6.218  -1.828  1.520   1.00 28.16 ? 9   THR A CG2 1 
ATOM   68  N  N   . TYR A 1 10 ? -3.098  -2.665  1.558   1.00 23.44 ? 10  TYR A N   1 
ATOM   69  C  CA  . TYR A 1 10 ? -2.277  -2.481  2.737   1.00 24.69 ? 10  TYR A CA  1 
ATOM   70  C  C   . TYR A 1 10 ? -2.838  -1.326  3.515   1.00 25.46 ? 10  TYR A C   1 
ATOM   71  O  O   . TYR A 1 10 ? -2.921  -0.202  2.997   1.00 26.18 ? 10  TYR A O   1 
ATOM   72  C  CB  . TYR A 1 10 ? -0.806  -2.222  2.331   1.00 25.01 ? 10  TYR A CB  1 
ATOM   73  C  CG  . TYR A 1 10 ? -0.228  -3.293  1.437   1.00 25.42 ? 10  TYR A CG  1 
ATOM   74  C  CD1 . TYR A 1 10 ? 0.570   -4.283  1.960   1.00 24.23 ? 10  TYR A CD1 1 
ATOM   75  C  CD2 . TYR A 1 10 ? -0.432  -3.263  0.070   1.00 26.56 ? 10  TYR A CD2 1 
ATOM   76  C  CE1 . TYR A 1 10 ? 1.114   -5.277  1.125   1.00 23.86 ? 10  TYR A CE1 1 
ATOM   77  C  CE2 . TYR A 1 10 ? 0.087   -4.220  -0.752  1.00 29.10 ? 10  TYR A CE2 1 
ATOM   78  C  CZ  . TYR A 1 10 ? 0.868   -5.223  -0.226  1.00 25.23 ? 10  TYR A CZ  1 
ATOM   79  O  OH  . TYR A 1 10 ? 1.369   -6.148  -1.141  1.00 30.27 ? 10  TYR A OH  1 
ATOM   80  N  N   . ASP A 1 11 ? -3.217  -1.595  4.760   1.00 25.50 ? 11  ASP A N   1 
ATOM   81  C  CA  . ASP A 1 11 ? -3.762  -0.587  5.662   1.00 26.27 ? 11  ASP A CA  1 
ATOM   82  C  C   . ASP A 1 11 ? -2.643  -0.083  6.545   1.00 25.66 ? 11  ASP A C   1 
ATOM   83  O  O   . ASP A 1 11 ? -2.103  -0.822  7.355   1.00 28.50 ? 11  ASP A O   1 
ATOM   84  C  CB  . ASP A 1 11 ? -4.855  -1.195  6.522   1.00 28.28 ? 11  ASP A CB  1 
ATOM   85  C  CG  . ASP A 1 11 ? -6.111  -1.517  5.732   1.00 32.93 ? 11  ASP A CG  1 
ATOM   86  O  OD1 . ASP A 1 11 ? -6.678  -0.603  5.128   1.00 35.57 ? 11  ASP A OD1 1 
ATOM   87  O  OD2 . ASP A 1 11 ? -6.570  -2.668  5.800   1.00 40.69 ? 11  ASP A OD2 1 
ATOM   88  N  N   . LEU A 1 12 ? -2.235  1.146   6.290   1.00 26.42 ? 12  LEU A N   1 
ATOM   89  C  CA  . LEU A 1 12 ? -1.080  1.716   6.941   1.00 25.69 ? 12  LEU A CA  1 
ATOM   90  C  C   . LEU A 1 12 ? -1.474  2.285   8.304   1.00 24.08 ? 12  LEU A C   1 
ATOM   91  O  O   . LEU A 1 12 ? -2.628  2.658   8.526   1.00 25.61 ? 12  LEU A O   1 
ATOM   92  C  CB  . LEU A 1 12 ? -0.475  2.796   6.067   1.00 26.85 ? 12  LEU A CB  1 
ATOM   93  C  CG  . LEU A 1 12 ? 0.023   2.278   4.693   1.00 29.40 ? 12  LEU A CG  1 
ATOM   94  C  CD1 . LEU A 1 12 ? 0.641   3.429   3.899   1.00 36.40 ? 12  LEU A CD1 1 
ATOM   95  C  CD2 . LEU A 1 12 ? 0.973   1.065   4.805   1.00 28.51 ? 12  LEU A CD2 1 
ATOM   96  N  N   . GLN A 1 13 ? -0.496  2.362   9.190   1.00 25.31 ? 13  GLN A N   1 
ATOM   97  C  CA  . GLN A 1 13 ? -0.698  2.899   10.547  1.00 26.12 ? 13  GLN A CA  1 
ATOM   98  C  C   . GLN A 1 13 ? -1.326  4.277   10.563  1.00 24.70 ? 13  GLN A C   1 
ATOM   99  O  O   . GLN A 1 13 ? -2.105  4.569   11.481  1.00 24.89 ? 13  GLN A O   1 
ATOM   100 C  CB  . GLN A 1 13 ? 0.628   3.003   11.319  1.00 27.91 ? 13  GLN A CB  1 
ATOM   101 C  CG  . GLN A 1 13 ? 1.232   1.703   11.745  1.00 29.91 ? 13  GLN A CG  1 
ATOM   102 C  CD  . GLN A 1 13 ? 0.510   1.001   12.900  1.00 33.48 ? 13  GLN A CD  1 
ATOM   103 O  OE1 . GLN A 1 13 ? -0.647  1.278   13.204  1.00 39.14 ? 13  GLN A OE1 1 
ATOM   104 N  NE2 . GLN A 1 13 ? 1.191   0.077   13.524  1.00 34.67 ? 13  GLN A NE2 1 
ATOM   105 N  N   . ASP A 1 14 ? -0.979  5.123   9.592   1.00 24.61 ? 14  ASP A N   1 
ATOM   106 C  CA  . ASP A 1 14 ? -1.520  6.478   9.529   1.00 25.16 ? 14  ASP A CA  1 
ATOM   107 C  C   . ASP A 1 14 ? -2.918  6.553   8.920   1.00 25.55 ? 14  ASP A C   1 
ATOM   108 O  O   . ASP A 1 14 ? -3.470  7.671   8.690   1.00 25.48 ? 14  ASP A O   1 
ATOM   109 C  CB  . ASP A 1 14 ? -0.559  7.414   8.777   1.00 27.19 ? 14  ASP A CB  1 
ATOM   110 C  CG  . ASP A 1 14 ? -0.435  7.092   7.297   1.00 29.25 ? 14  ASP A CG  1 
ATOM   111 O  OD1 . ASP A 1 14 ? -1.112  6.173   6.832   1.00 26.90 ? 14  ASP A OD1 1 
ATOM   112 O  OD2 . ASP A 1 14 ? 0.360   7.794   6.622   1.00 33.11 ? 14  ASP A OD2 1 
ATOM   113 N  N   . GLY A 1 15 ? -3.557  5.415   8.705   1.00 23.41 ? 15  GLY A N   1 
ATOM   114 C  CA  . GLY A 1 15 ? -4.895  5.412   8.159   1.00 24.60 ? 15  GLY A CA  1 
ATOM   115 C  C   . GLY A 1 15 ? -5.007  5.474   6.650   1.00 26.99 ? 15  GLY A C   1 
ATOM   116 O  O   . GLY A 1 15 ? -6.116  5.358   6.104   1.00 26.29 ? 15  GLY A O   1 
ATOM   117 N  N   . SER A 1 16 ? -3.876  5.657   5.963   1.00 24.69 ? 16  SER A N   1 
ATOM   118 C  CA  A SER A 1 16 ? -3.893  5.569   4.508   0.50 25.32 ? 16  SER A CA  1 
ATOM   119 C  CA  B SER A 1 16 ? -3.887  5.555   4.506   0.50 25.15 ? 16  SER A CA  1 
ATOM   120 C  C   . SER A 1 16 ? -3.979  4.115   4.054   1.00 25.89 ? 16  SER A C   1 
ATOM   121 O  O   . SER A 1 16 ? -3.799  3.168   4.838   1.00 26.26 ? 16  SER A O   1 
ATOM   122 C  CB  A SER A 1 16 ? -2.685  6.288   3.892   0.50 25.93 ? 16  SER A CB  1 
ATOM   123 C  CB  B SER A 1 16 ? -2.661  6.224   3.897   0.50 25.94 ? 16  SER A CB  1 
ATOM   124 O  OG  A SER A 1 16 ? -1.464  5.702   4.318   0.50 26.94 ? 16  SER A OG  1 
ATOM   125 O  OG  B SER A 1 16 ? -2.600  7.570   4.293   0.50 25.61 ? 16  SER A OG  1 
ATOM   126 N  N   . LYS A 1 17 ? -4.251  3.941   2.766   1.00 25.06 ? 17  LYS A N   1 
ATOM   127 C  CA  . LYS A 1 17 ? -4.346  2.633   2.190   1.00 25.16 ? 17  LYS A CA  1 
ATOM   128 C  C   . LYS A 1 17 ? -3.635  2.646   0.869   1.00 26.34 ? 17  LYS A C   1 
ATOM   129 O  O   . LYS A 1 17 ? -3.828  3.557   0.072   1.00 26.50 ? 17  LYS A O   1 
ATOM   130 C  CB  . LYS A 1 17 ? -5.803  2.301   1.935   1.00 27.47 ? 17  LYS A CB  1 
ATOM   131 C  CG  . LYS A 1 17 ? -6.638  2.180   3.192   1.00 31.25 ? 17  LYS A CG  1 
ATOM   132 C  CD  . LYS A 1 17 ? -8.087  1.972   2.807   1.00 35.88 ? 17  LYS A CD  1 
ATOM   133 C  CE  . LYS A 1 17 ? -8.919  1.499   4.003   1.00 39.66 ? 17  LYS A CE  1 
ATOM   134 N  NZ  . LYS A 1 17 ? -9.074  -0.013  4.074   1.00 42.19 ? 17  LYS A NZ  1 
ATOM   135 N  N   . VAL A 1 18 ? -2.914  1.561   0.618   1.00 24.52 ? 18  VAL A N   1 
ATOM   136 C  CA  . VAL A 1 18 ? -2.361  1.238   -0.678  1.00 25.53 ? 18  VAL A CA  1 
ATOM   137 C  C   . VAL A 1 18 ? -3.155  0.106   -1.295  1.00 25.56 ? 18  VAL A C   1 
ATOM   138 O  O   . VAL A 1 18 ? -3.321  -0.937  -0.658  1.00 25.81 ? 18  VAL A O   1 
ATOM   139 C  CB  . VAL A 1 18 ? -0.905  0.803   -0.591  1.00 23.18 ? 18  VAL A CB  1 
ATOM   140 C  CG1 . VAL A 1 18 ? -0.363  0.414   -1.964  1.00 26.21 ? 18  VAL A CG1 1 
ATOM   141 C  CG2 . VAL A 1 18 ? -0.028  1.942   -0.005  1.00 27.08 ? 18  VAL A CG2 1 
ATOM   142 N  N   . HIS A 1 19 ? -3.611  0.286   -2.533  1.00 24.93 ? 19  HIS A N   1 
ATOM   143 C  CA  . HIS A 1 19 ? -4.399  -0.718  -3.240  1.00 25.16 ? 19  HIS A CA  1 
ATOM   144 C  C   . HIS A 1 19 ? -3.659  -1.184  -4.480  1.00 25.89 ? 19  HIS A C   1 
ATOM   145 O  O   . HIS A 1 19 ? -3.179  -0.354  -5.255  1.00 26.24 ? 19  HIS A O   1 
ATOM   146 C  CB  . HIS A 1 19 ? -5.757  -0.193  -3.677  1.00 24.67 ? 19  HIS A CB  1 
ATOM   147 C  CG  . HIS A 1 19 ? -6.581  0.372   -2.567  1.00 26.30 ? 19  HIS A CG  1 
ATOM   148 N  ND1 . HIS A 1 19 ? -7.202  -0.420  -1.625  1.00 27.51 ? 19  HIS A ND1 1 
ATOM   149 C  CD2 . HIS A 1 19 ? -6.937  1.650   -2.280  1.00 28.12 ? 19  HIS A CD2 1 
ATOM   150 C  CE1 . HIS A 1 19 ? -7.860  0.354   -0.779  1.00 28.11 ? 19  HIS A CE1 1 
ATOM   151 N  NE2 . HIS A 1 19 ? -7.726  1.614   -1.160  1.00 28.29 ? 19  HIS A NE2 1 
ATOM   152 N  N   . VAL A 1 20 ? -3.578  -2.500  -4.656  1.00 24.63 ? 20  VAL A N   1 
ATOM   153 C  CA  . VAL A 1 20 ? -2.951  -3.083  -5.828  1.00 25.01 ? 20  VAL A CA  1 
ATOM   154 C  C   . VAL A 1 20 ? -4.038  -3.769  -6.620  1.00 25.88 ? 20  VAL A C   1 
ATOM   155 O  O   . VAL A 1 20 ? -4.847  -4.512  -6.067  1.00 26.71 ? 20  VAL A O   1 
ATOM   156 C  CB  . VAL A 1 20 ? -1.843  -4.095  -5.459  1.00 27.02 ? 20  VAL A CB  1 
ATOM   157 C  CG1 . VAL A 1 20 ? -1.209  -4.690  -6.733  1.00 27.88 ? 20  VAL A CG1 1 
ATOM   158 C  CG2 . VAL A 1 20 ? -0.777  -3.413  -4.595  1.00 28.70 ? 20  VAL A CG2 1 
ATOM   159 N  N   . PHE A 1 21 ? -4.075  -3.500  -7.924  1.00 24.58 ? 21  PHE A N   1 
ATOM   160 C  CA  . PHE A 1 21 ? -5.133  -3.938  -8.798  1.00 24.29 ? 21  PHE A CA  1 
ATOM   161 C  C   . PHE A 1 21 ? -4.753  -5.184  -9.607  1.00 24.07 ? 21  PHE A C   1 
ATOM   162 O  O   . PHE A 1 21 ? -3.578  -5.518  -9.750  1.00 26.14 ? 21  PHE A O   1 
ATOM   163 C  CB  . PHE A 1 21 ? -5.499  -2.777  -9.725  1.00 25.78 ? 21  PHE A CB  1 
ATOM   164 C  CG  . PHE A 1 21 ? -6.175  -1.659  -9.002  1.00 27.16 ? 21  PHE A CG  1 
ATOM   165 C  CD1 . PHE A 1 21 ? -7.551  -1.614  -8.941  1.00 29.06 ? 21  PHE A CD1 1 
ATOM   166 C  CD2 . PHE A 1 21 ? -5.437  -0.677  -8.392  1.00 26.28 ? 21  PHE A CD2 1 
ATOM   167 C  CE1 . PHE A 1 21 ? -8.194  -0.603  -8.279  1.00 31.30 ? 21  PHE A CE1 1 
ATOM   168 C  CE2 . PHE A 1 21 ? -6.060  0.344   -7.676  1.00 27.53 ? 21  PHE A CE2 1 
ATOM   169 C  CZ  . PHE A 1 21 ? -7.455  0.373   -7.636  1.00 29.92 ? 21  PHE A CZ  1 
ATOM   170 N  N   . LYS A 1 22 ? -5.766  -5.853  -10.144 1.00 25.87 ? 22  LYS A N   1 
ATOM   171 C  CA  . LYS A 1 22 ? -5.580  -7.042  -10.967 1.00 27.03 ? 22  LYS A CA  1 
ATOM   172 C  C   . LYS A 1 22 ? -4.635  -6.823  -12.162 1.00 25.68 ? 22  LYS A C   1 
ATOM   173 O  O   . LYS A 1 22 ? -3.886  -7.751  -12.544 1.00 27.37 ? 22  LYS A O   1 
ATOM   174 C  CB  . LYS A 1 22 ? -6.933  -7.532  -11.468 1.00 29.19 ? 22  LYS A CB  1 
ATOM   175 C  CG  . LYS A 1 22 ? -7.808  -8.160  -10.388 1.00 34.47 ? 22  LYS A CG  1 
ATOM   176 C  CD  . LYS A 1 22 ? -9.080  -8.766  -10.965 1.00 36.97 ? 22  LYS A CD  1 
ATOM   177 C  CE  . LYS A 1 22 ? -10.034 -9.245  -9.861  1.00 37.91 ? 22  LYS A CE  1 
ATOM   178 N  NZ  . LYS A 1 22 ? -11.251 -9.928  -10.405 1.00 41.11 ? 22  LYS A NZ  1 
ATOM   179 N  N   . ASP A 1 23 ? -4.633  -5.603  -12.731 1.00 26.29 ? 23  ASP A N   1 
ATOM   180 C  CA  . ASP A 1 23 ? -3.778  -5.296  -13.884 1.00 25.73 ? 23  ASP A CA  1 
ATOM   181 C  C   . ASP A 1 23 ? -2.409  -4.762  -13.488 1.00 27.04 ? 23  ASP A C   1 
ATOM   182 O  O   . ASP A 1 23 ? -1.656  -4.287  -14.347 1.00 29.91 ? 23  ASP A O   1 
ATOM   183 C  CB  . ASP A 1 23 ? -4.467  -4.299  -14.832 1.00 26.33 ? 23  ASP A CB  1 
ATOM   184 C  CG  . ASP A 1 23 ? -4.642  -2.914  -14.230 1.00 26.85 ? 23  ASP A CG  1 
ATOM   185 O  OD1 . ASP A 1 23 ? -4.274  -2.698  -13.056 1.00 24.69 ? 23  ASP A OD1 1 
ATOM   186 O  OD2 . ASP A 1 23 ? -5.190  -2.031  -14.946 1.00 30.12 ? 23  ASP A OD2 1 
ATOM   187 N  N   . GLY A 1 24 ? -2.111  -4.816  -12.195 1.00 26.69 ? 24  GLY A N   1 
ATOM   188 C  CA  . GLY A 1 24 ? -0.781  -4.477  -11.683 1.00 26.64 ? 24  GLY A CA  1 
ATOM   189 C  C   . GLY A 1 24 ? -0.602  -3.023  -11.287 1.00 28.76 ? 24  GLY A C   1 
ATOM   190 O  O   . GLY A 1 24 ? 0.429   -2.645  -10.731 1.00 31.24 ? 24  GLY A O   1 
ATOM   191 N  N   . LYS A 1 25 ? -1.593  -2.191  -11.574 1.00 26.97 ? 25  LYS A N   1 
ATOM   192 C  CA  . LYS A 1 25 ? -1.534  -0.784  -11.153 1.00 26.97 ? 25  LYS A CA  1 
ATOM   193 C  C   . LYS A 1 25 ? -1.644  -0.710  -9.652  1.00 27.22 ? 25  LYS A C   1 
ATOM   194 O  O   . LYS A 1 25 ? -2.128  -1.623  -8.991  1.00 25.91 ? 25  LYS A O   1 
ATOM   195 C  CB  . LYS A 1 25 ? -2.625  0.064   -11.795 1.00 28.25 ? 25  LYS A CB  1 
ATOM   196 C  CG  . LYS A 1 25 ? -2.462  0.200   -13.306 1.00 29.35 ? 25  LYS A CG  1 
ATOM   197 C  CD  . LYS A 1 25 ? -3.531  1.064   -13.916 1.00 33.56 ? 25  LYS A CD  1 
ATOM   198 C  CE  . LYS A 1 25 ? -3.279  1.323   -15.405 1.00 35.22 ? 25  LYS A CE  1 
ATOM   199 N  NZ  . LYS A 1 25 ? -3.137  0.070   -16.192 1.00 40.02 ? 25  LYS A NZ  1 
ATOM   200 N  N   . MET A 1 26 ? -1.165  0.395   -9.118  1.00 24.89 ? 26  MET A N   1 
ATOM   201 C  CA  . MET A 1 26 ? -1.191  0.593   -7.688  1.00 26.28 ? 26  MET A CA  1 
ATOM   202 C  C   . MET A 1 26 ? -1.551  2.055   -7.445  1.00 24.97 ? 26  MET A C   1 
ATOM   203 O  O   . MET A 1 26 ? -1.173  2.964   -8.189  1.00 25.50 ? 26  MET A O   1 
ATOM   204 C  CB  . MET A 1 26 ? 0.190   0.239   -7.084  1.00 29.43 ? 26  MET A CB  1 
ATOM   205 C  CG  . MET A 1 26 ? 0.264   0.127   -5.607  1.00 33.36 ? 26  MET A CG  1 
ATOM   206 S  SD  . MET A 1 26 ? 2.005   0.130   -5.039  1.00 35.06 ? 26  MET A SD  1 
ATOM   207 C  CE  . MET A 1 26 ? 2.862   -0.842  -6.257  1.00 32.83 ? 26  MET A CE  1 
ATOM   208 N  N   . GLY A 1 27 ? -2.320  2.267   -6.392  1.00 24.02 ? 27  GLY A N   1 
ATOM   209 C  CA  . GLY A 1 27 ? -2.650  3.630   -5.971  1.00 25.23 ? 27  GLY A CA  1 
ATOM   210 C  C   . GLY A 1 27 ? -2.749  3.745   -4.461  1.00 25.85 ? 27  GLY A C   1 
ATOM   211 O  O   . GLY A 1 27 ? -2.687  2.742   -3.742  1.00 25.95 ? 27  GLY A O   1 
ATOM   212 N  N   . MET A 1 28 ? -2.887  4.968   -3.968  1.00 26.56 ? 28  MET A N   1 
ATOM   213 C  CA  . MET A 1 28 ? -2.921  5.215   -2.542  1.00 26.40 ? 28  MET A CA  1 
ATOM   214 C  C   . MET A 1 28 ? -3.962  6.295   -2.234  1.00 26.31 ? 28  MET A C   1 
ATOM   215 O  O   . MET A 1 28 ? -4.169  7.206   -3.043  1.00 25.67 ? 28  MET A O   1 
ATOM   216 C  CB  . MET A 1 28 ? -1.568  5.656   -2.062  1.00 28.18 ? 28  MET A CB  1 
ATOM   217 C  CG  . MET A 1 28 ? -1.386  5.773   -0.606  1.00 28.18 ? 28  MET A CG  1 
ATOM   218 S  SD  . MET A 1 28 ? 0.400   6.099   -0.376  1.00 32.46 ? 28  MET A SD  1 
ATOM   219 C  CE  . MET A 1 28 ? 0.501   5.890   1.402   1.00 33.61 ? 28  MET A CE  1 
ATOM   220 N  N   . GLU A 1 29 ? -4.622  6.158   -1.107  1.00 25.95 ? 29  GLU A N   1 
ATOM   221 C  CA  . GLU A 1 29 ? -5.564  7.170   -0.609  1.00 25.65 ? 29  GLU A CA  1 
ATOM   222 C  C   . GLU A 1 29 ? -5.295  7.390   0.859   1.00 27.92 ? 29  GLU A C   1 
ATOM   223 O  O   . GLU A 1 29 ? -4.898  6.440   1.590   1.00 27.92 ? 29  GLU A O   1 
ATOM   224 C  CB  . GLU A 1 29 ? -7.006  6.730   -0.812  1.00 29.45 ? 29  GLU A CB  1 
ATOM   225 C  CG  . GLU A 1 29 ? -7.342  5.393   -0.174  1.00 31.48 ? 29  GLU A CG  1 
ATOM   226 C  CD  . GLU A 1 29 ? -8.781  4.997   -0.282  1.00 33.62 ? 29  GLU A CD  1 
ATOM   227 O  OE1 . GLU A 1 29 ? -9.610  5.890   -0.578  1.00 32.95 ? 29  GLU A OE1 1 
ATOM   228 O  OE2 . GLU A 1 29 ? -9.074  3.789   -0.106  1.00 29.60 ? 29  GLU A OE2 1 
ATOM   229 N  N   . ASN A 1 30 ? -5.389  8.629   1.299   1.00 25.74 ? 30  ASN A N   1 
ATOM   230 C  CA  . ASN A 1 30 ? -5.335  8.869   2.742   1.00 29.34 ? 30  ASN A CA  1 
ATOM   231 C  C   . ASN A 1 30 ? -6.642  8.441   3.518   1.00 22.39 ? 30  ASN A C   1 
ATOM   232 O  O   . ASN A 1 30 ? -7.622  7.946   2.927   1.00 26.33 ? 30  ASN A O   1 
ATOM   233 C  CB  . ASN A 1 30 ? -4.886  10.293  3.103   1.00 24.55 ? 30  ASN A CB  1 
ATOM   234 C  CG  . ASN A 1 30 ? -5.954  11.368  2.919   1.00 25.37 ? 30  ASN A CG  1 
ATOM   235 O  OD1 . ASN A 1 30 ? -7.127  11.057  2.668   1.00 24.28 ? 30  ASN A OD1 1 
ATOM   236 N  ND2 . ASN A 1 30 ? -5.530  12.654  2.981   1.00 26.08 ? 30  ASN A ND2 1 
ATOM   237 N  N   . LYS A 1 31 ? -6.674  8.665   4.832   1.00 24.64 ? 31  LYS A N   1 
ATOM   238 C  CA  A LYS A 1 31 ? -7.798  8.255   5.704   0.70 25.32 ? 31  LYS A CA  1 
ATOM   239 C  CA  B LYS A 1 31 ? -7.821  8.155   5.608   0.30 24.63 ? 31  LYS A CA  1 
ATOM   240 C  C   . LYS A 1 31 ? -9.138  8.909   5.374   1.00 25.27 ? 31  LYS A C   1 
ATOM   241 O  O   . LYS A 1 31 ? -10.189 8.481   5.850   1.00 27.87 ? 31  LYS A O   1 
ATOM   242 C  CB  A LYS A 1 31 ? -7.480  8.556   7.172   0.70 26.03 ? 31  LYS A CB  1 
ATOM   243 C  CB  B LYS A 1 31 ? -7.506  8.080   7.098   0.30 23.52 ? 31  LYS A CB  1 
ATOM   244 C  CG  A LYS A 1 31 ? -7.334  10.059  7.510   0.70 25.75 ? 31  LYS A CG  1 
ATOM   245 C  CG  B LYS A 1 31 ? -7.590  9.396   7.825   0.30 22.44 ? 31  LYS A CG  1 
ATOM   246 C  CD  A LYS A 1 31 ? -7.263  10.320  9.029   0.70 27.28 ? 31  LYS A CD  1 
ATOM   247 C  CD  B LYS A 1 31 ? -6.900  9.273   9.164   0.30 20.56 ? 31  LYS A CD  1 
ATOM   248 C  CE  A LYS A 1 31 ? -5.999  9.860   9.651   0.70 27.89 ? 31  LYS A CE  1 
ATOM   249 C  CE  B LYS A 1 31 ? -6.937  10.570  9.905   0.30 18.88 ? 31  LYS A CE  1 
ATOM   250 N  NZ  A LYS A 1 31 ? -5.709  10.440  11.000  0.70 24.38 ? 31  LYS A NZ  1 
ATOM   251 N  NZ  B LYS A 1 31 ? -6.015  10.643  11.083  0.30 19.80 ? 31  LYS A NZ  1 
ATOM   252 N  N   . PHE A 1 32 ? -9.078  10.019  4.646   1.00 24.94 ? 32  PHE A N   1 
ATOM   253 C  CA  . PHE A 1 32 ? -10.256 10.776  4.200   1.00 25.01 ? 32  PHE A CA  1 
ATOM   254 C  C   . PHE A 1 32 ? -10.652 10.464  2.769   1.00 25.44 ? 32  PHE A C   1 
ATOM   255 O  O   . PHE A 1 32 ? -11.589 11.034  2.239   1.00 26.69 ? 32  PHE A O   1 
ATOM   256 C  CB  . PHE A 1 32 ? -9.967  12.262  4.296   1.00 23.91 ? 32  PHE A CB  1 
ATOM   257 C  CG  . PHE A 1 32 ? -9.627  12.717  5.663   1.00 25.55 ? 32  PHE A CG  1 
ATOM   258 C  CD1 . PHE A 1 32 ? -10.597 12.798  6.641   1.00 26.20 ? 32  PHE A CD1 1 
ATOM   259 C  CD2 . PHE A 1 32 ? -8.339  13.098  5.988   1.00 26.75 ? 32  PHE A CD2 1 
ATOM   260 C  CE1 . PHE A 1 32 ? -10.288 13.256  7.916   1.00 26.34 ? 32  PHE A CE1 1 
ATOM   261 C  CE2 . PHE A 1 32 ? -8.031  13.559  7.259   1.00 27.25 ? 32  PHE A CE2 1 
ATOM   262 C  CZ  . PHE A 1 32 ? -8.993  13.598  8.234   1.00 25.65 ? 32  PHE A CZ  1 
ATOM   263 N  N   . GLY A 1 33 ? -9.955  9.531   2.149   1.00 25.92 ? 33  GLY A N   1 
ATOM   264 C  CA  . GLY A 1 33 ? -10.256 9.134   0.792   1.00 27.55 ? 33  GLY A CA  1 
ATOM   265 C  C   . GLY A 1 33 ? -9.645  10.038  -0.269  1.00 27.12 ? 33  GLY A C   1 
ATOM   266 O  O   . GLY A 1 33 ? -10.026 9.950   -1.447  1.00 29.57 ? 33  GLY A O   1 
ATOM   267 N  N   . LYS A 1 34 ? -8.706  10.904  0.123   1.00 24.31 ? 34  LYS A N   1 
ATOM   268 C  CA  . LYS A 1 34 ? -8.030  11.766  -0.809  1.00 24.49 ? 34  LYS A CA  1 
ATOM   269 C  C   . LYS A 1 34 ? -6.877  11.002  -1.487  1.00 25.39 ? 34  LYS A C   1 
ATOM   270 O  O   . LYS A 1 34 ? -6.088  10.320  -0.817  1.00 26.72 ? 34  LYS A O   1 
ATOM   271 C  CB  . LYS A 1 34 ? -7.457  12.976  -0.093  1.00 26.87 ? 34  LYS A CB  1 
ATOM   272 C  CG  . LYS A 1 34 ? -6.839  14.003  -1.034  1.00 28.03 ? 34  LYS A CG  1 
ATOM   273 C  CD  . LYS A 1 34 ? -6.486  15.264  -0.254  1.00 34.03 ? 34  LYS A CD  1 
ATOM   274 C  CE  . LYS A 1 34 ? -5.592  16.206  -1.036  1.00 35.46 ? 34  LYS A CE  1 
ATOM   275 N  NZ  . LYS A 1 34 ? -6.185  16.669  -2.305  1.00 39.75 ? 34  LYS A NZ  1 
ATOM   276 N  N   . SER A 1 35 ? -6.778  11.112  -2.800  1.00 23.77 ? 35  SER A N   1 
ATOM   277 C  CA  . SER A 1 35 ? -5.705  10.461  -3.508  1.00 24.24 ? 35  SER A CA  1 
ATOM   278 C  C   . SER A 1 35 ? -4.353  10.995  -3.076  1.00 25.38 ? 35  SER A C   1 
ATOM   279 O  O   . SER A 1 35 ? -4.185  12.197  -2.879  1.00 27.09 ? 35  SER A O   1 
ATOM   280 C  CB  . SER A 1 35 ? -5.896  10.630  -5.002  1.00 26.17 ? 35  SER A CB  1 
ATOM   281 O  OG  . SER A 1 35 ? -4.917  9.937   -5.741  1.00 27.36 ? 35  SER A OG  1 
ATOM   282 N  N   . MET A 1 36 ? -3.369  10.092  -3.013  1.00 25.77 ? 36  MET A N   1 
ATOM   283 C  CA  . MET A 1 36 ? -1.995  10.441  -2.658  1.00 26.48 ? 36  MET A CA  1 
ATOM   284 C  C   . MET A 1 36 ? -1.023  9.902   -3.683  1.00 26.26 ? 36  MET A C   1 
ATOM   285 O  O   . MET A 1 36 ? -1.215  8.801   -4.174  1.00 26.34 ? 36  MET A O   1 
ATOM   286 C  CB  . MET A 1 36 ? -1.638  9.754   -1.343  1.00 29.23 ? 36  MET A CB  1 
ATOM   287 C  CG  . MET A 1 36 ? -2.363  10.282  -0.172  1.00 34.87 ? 36  MET A CG  1 
ATOM   288 S  SD  . MET A 1 36 ? -1.780  9.348   1.231   1.00 35.85 ? 36  MET A SD  1 
ATOM   289 C  CE  . MET A 1 36 ? -0.060  9.894   1.372   1.00 38.50 ? 36  MET A CE  1 
ATOM   290 N  N   . ASN A 1 37 ? 0.075   10.611  -3.935  1.00 26.80 ? 37  ASN A N   1 
ATOM   291 C  CA  . ASN A 1 37 ? 1.187   10.013  -4.696  1.00 28.00 ? 37  ASN A CA  1 
ATOM   292 C  C   . ASN A 1 37 ? 1.817   8.986   -3.802  1.00 29.55 ? 37  ASN A C   1 
ATOM   293 O  O   . ASN A 1 37 ? 1.985   9.184   -2.608  1.00 33.25 ? 37  ASN A O   1 
ATOM   294 C  CB  . ASN A 1 37 ? 2.354   10.966  -5.000  1.00 30.03 ? 37  ASN A CB  1 
ATOM   295 C  CG  . ASN A 1 37 ? 1.981   12.165  -5.785  1.00 34.91 ? 37  ASN A CG  1 
ATOM   296 O  OD1 . ASN A 1 37 ? 2.545   13.245  -5.543  1.00 36.15 ? 37  ASN A OD1 1 
ATOM   297 N  ND2 . ASN A 1 37 ? 1.132   11.999  -6.787  1.00 36.14 ? 37  ASN A ND2 1 
ATOM   298 N  N   . MET A 1 38 ? 2.250   7.899   -4.384  1.00 33.11 ? 38  MET A N   1 
ATOM   299 C  CA  . MET A 1 38 ? 2.887   6.857   -3.594  1.00 30.98 ? 38  MET A CA  1 
ATOM   300 C  C   . MET A 1 38 ? 4.353   7.180   -3.303  1.00 31.32 ? 38  MET A C   1 
ATOM   301 O  O   . MET A 1 38 ? 5.102   7.425   -4.238  1.00 30.97 ? 38  MET A O   1 
ATOM   302 C  CB  . MET A 1 38 ? 2.759   5.591   -4.403  1.00 31.11 ? 38  MET A CB  1 
ATOM   303 C  CG  . MET A 1 38 ? 1.335   5.131   -4.499  1.00 33.81 ? 38  MET A CG  1 
ATOM   304 S  SD  . MET A 1 38 ? 1.168   3.642   -5.447  1.00 33.45 ? 38  MET A SD  1 
ATOM   305 C  CE  . MET A 1 38 ? 1.583   4.181   -7.101  1.00 33.90 ? 38  MET A CE  1 
ATOM   306 N  N   . PRO A 1 39 ? 4.751   7.193   -2.005  1.00 26.77 ? 39  PRO A N   1 
ATOM   307 C  CA  . PRO A 1 39 ? 6.152   7.502   -1.731  1.00 26.93 ? 39  PRO A CA  1 
ATOM   308 C  C   . PRO A 1 39 ? 7.034   6.305   -2.055  1.00 24.38 ? 39  PRO A C   1 
ATOM   309 O  O   . PRO A 1 39 ? 7.023   5.311   -1.353  1.00 27.15 ? 39  PRO A O   1 
ATOM   310 C  CB  . PRO A 1 39 ? 6.166   7.830   -0.240  1.00 26.95 ? 39  PRO A CB  1 
ATOM   311 C  CG  . PRO A 1 39 ? 4.956   7.236   0.320   1.00 29.50 ? 39  PRO A CG  1 
ATOM   312 C  CD  . PRO A 1 39 ? 3.987   6.961   -0.763  1.00 28.29 ? 39  PRO A CD  1 
ATOM   313 N  N   . GLU A 1 40 ? 7.773   6.408   -3.153  1.00 27.18 ? 40  GLU A N   1 
ATOM   314 C  CA  . GLU A 1 40 ? 8.650   5.317   -3.570  1.00 28.35 ? 40  GLU A CA  1 
ATOM   315 C  C   . GLU A 1 40 ? 9.860   5.249   -2.643  1.00 28.69 ? 40  GLU A C   1 
ATOM   316 O  O   . GLU A 1 40 ? 10.407  6.277   -2.275  1.00 27.90 ? 40  GLU A O   1 
ATOM   317 C  CB  . GLU A 1 40 ? 9.085   5.547   -5.018  1.00 29.38 ? 40  GLU A CB  1 
ATOM   318 C  CG  . GLU A 1 40 ? 9.858   4.379   -5.616  1.00 32.21 ? 40  GLU A CG  1 
ATOM   319 C  CD  . GLU A 1 40 ? 9.868   4.351   -7.146  1.00 34.99 ? 40  GLU A CD  1 
ATOM   320 O  OE1 . GLU A 1 40 ? 9.367   5.310   -7.771  1.00 39.73 ? 40  GLU A OE1 1 
ATOM   321 O  OE2 . GLU A 1 40 ? 10.389  3.359   -7.723  1.00 33.47 ? 40  GLU A OE2 1 
ATOM   322 N  N   . GLY A 1 41 ? 10.296  4.047   -2.291  1.00 29.53 ? 41  GLY A N   1 
ATOM   323 C  CA  . GLY A 1 41 ? 11.488  3.859   -1.460  1.00 30.69 ? 41  GLY A CA  1 
ATOM   324 C  C   . GLY A 1 41 ? 11.387  4.275   0.006   1.00 33.91 ? 41  GLY A C   1 
ATOM   325 O  O   . GLY A 1 41 ? 12.408  4.518   0.664   1.00 37.37 ? 41  GLY A O   1 
ATOM   326 N  N   . LYS A 1 42 ? 10.161  4.432   0.492   1.00 29.79 ? 42  LYS A N   1 
ATOM   327 C  CA  . LYS A 1 42 ? 9.892   4.812   1.882   1.00 29.47 ? 42  LYS A CA  1 
ATOM   328 C  C   . LYS A 1 42 ? 9.341   3.615   2.616   1.00 27.87 ? 42  LYS A C   1 
ATOM   329 O  O   . LYS A 1 42 ? 8.388   3.019   2.146   1.00 28.04 ? 42  LYS A O   1 
ATOM   330 C  CB  . LYS A 1 42 ? 8.868   5.938   1.921   1.00 29.57 ? 42  LYS A CB  1 
ATOM   331 C  CG  . LYS A 1 42 ? 8.429   6.359   3.330   1.00 34.54 ? 42  LYS A CG  1 
ATOM   332 C  CD  . LYS A 1 42 ? 7.484   7.565   3.274   1.00 39.10 ? 42  LYS A CD  1 
ATOM   333 C  CE  . LYS A 1 42 ? 6.314   7.465   4.239   1.00 41.14 ? 42  LYS A CE  1 
ATOM   334 N  NZ  . LYS A 1 42 ? 5.250   8.507   3.975   1.00 43.17 ? 42  LYS A NZ  1 
ATOM   335 N  N   . VAL A 1 43 ? 9.926   3.276   3.762   1.00 26.94 ? 43  VAL A N   1 
ATOM   336 C  CA  . VAL A 1 43 ? 9.367   2.208   4.598   1.00 27.62 ? 43  VAL A CA  1 
ATOM   337 C  C   . VAL A 1 43 ? 8.070   2.729   5.246   1.00 25.64 ? 43  VAL A C   1 
ATOM   338 O  O   . VAL A 1 43 ? 8.046   3.827   5.819   1.00 26.33 ? 43  VAL A O   1 
ATOM   339 C  CB  . VAL A 1 43 ? 10.361  1.738   5.664   1.00 26.70 ? 43  VAL A CB  1 
ATOM   340 C  CG1 . VAL A 1 43 ? 9.751   0.629   6.530   1.00 28.70 ? 43  VAL A CG1 1 
ATOM   341 C  CG2 . VAL A 1 43 ? 11.657  1.274   4.981   1.00 27.27 ? 43  VAL A CG2 1 
ATOM   342 N  N   . MET A 1 44 ? 7.022   1.923   5.139   1.00 25.06 ? 44  MET A N   1 
ATOM   343 C  CA  . MET A 1 44 ? 5.675   2.222   5.633   1.00 23.89 ? 44  MET A CA  1 
ATOM   344 C  C   . MET A 1 44 ? 5.220   1.033   6.477   1.00 24.96 ? 44  MET A C   1 
ATOM   345 O  O   . MET A 1 44 ? 5.360   -0.111  6.056   1.00 27.50 ? 44  MET A O   1 
ATOM   346 C  CB  . MET A 1 44 ? 4.719   2.375   4.456   1.00 26.81 ? 44  MET A CB  1 
ATOM   347 C  CG  . MET A 1 44 ? 5.082   3.533   3.580   1.00 29.89 ? 44  MET A CG  1 
ATOM   348 S  SD  . MET A 1 44 ? 3.817   3.889   2.357   1.00 35.96 ? 44  MET A SD  1 
ATOM   349 C  CE  . MET A 1 44 ? 3.724   2.419   1.438   1.00 37.08 ? 44  MET A CE  1 
ATOM   350 N  N   . GLU A 1 45 ? 4.637   1.304   7.635   1.00 23.34 ? 45  GLU A N   1 
ATOM   351 C  CA  . GLU A 1 45 ? 4.184   0.252   8.553   1.00 23.60 ? 45  GLU A CA  1 
ATOM   352 C  C   . GLU A 1 45 ? 2.685   0.039   8.436   1.00 21.04 ? 45  GLU A C   1 
ATOM   353 O  O   . GLU A 1 45 ? 1.906   1.011   8.443   1.00 23.51 ? 45  GLU A O   1 
ATOM   354 C  CB  . GLU A 1 45 ? 4.551   0.589   9.999   1.00 24.92 ? 45  GLU A CB  1 
ATOM   355 C  CG  . GLU A 1 45 ? 4.289   -0.563  10.957  1.00 25.84 ? 45  GLU A CG  1 
ATOM   356 C  CD  . GLU A 1 45 ? 4.742   -0.277  12.365  1.00 30.36 ? 45  GLU A CD  1 
ATOM   357 O  OE1 . GLU A 1 45 ? 5.889   0.197   12.555  1.00 36.83 ? 45  GLU A OE1 1 
ATOM   358 O  OE2 . GLU A 1 45 ? 3.987   -0.593  13.284  1.00 26.89 ? 45  GLU A OE2 1 
ATOM   359 N  N   . THR A 1 46 ? 2.247   -1.214  8.394   1.00 22.47 ? 46  THR A N   1 
ATOM   360 C  CA  . THR A 1 46 ? 0.841   -1.505  8.353   1.00 25.70 ? 46  THR A CA  1 
ATOM   361 C  C   . THR A 1 46 ? 0.231   -1.611  9.753   1.00 25.22 ? 46  THR A C   1 
ATOM   362 O  O   . THR A 1 46 ? 0.938   -1.705  10.763  1.00 25.08 ? 46  THR A O   1 
ATOM   363 C  CB  . THR A 1 46 ? 0.564   -2.794  7.597   1.00 27.16 ? 46  THR A CB  1 
ATOM   364 O  OG1 . THR A 1 46 ? 1.050   -3.886  8.381   1.00 28.09 ? 46  THR A OG1 1 
ATOM   365 C  CG2 . THR A 1 46 ? 1.272   -2.779  6.218   1.00 29.28 ? 46  THR A CG2 1 
ATOM   366 N  N   . ARG A 1 47 ? -1.091  -1.637  9.830   1.00 26.13 ? 47  ARG A N   1 
ATOM   367 C  CA  . ARG A 1 47 ? -1.767  -1.738  11.122  1.00 28.44 ? 47  ARG A CA  1 
ATOM   368 C  C   . ARG A 1 47 ? -1.418  -3.003  11.881  1.00 28.14 ? 47  ARG A C   1 
ATOM   369 O  O   . ARG A 1 47 ? -1.546  -3.052  13.113  1.00 27.63 ? 47  ARG A O   1 
ATOM   370 C  CB  . ARG A 1 47 ? -3.281  -1.712  10.919  1.00 31.54 ? 47  ARG A CB  1 
ATOM   371 C  CG  . ARG A 1 47 ? -3.858  -0.342  10.728  1.00 36.08 ? 47  ARG A CG  1 
ATOM   372 C  CD  . ARG A 1 47 ? -5.354  -0.326  11.057  1.00 40.36 ? 47  ARG A CD  1 
ATOM   373 N  NE  . ARG A 1 47 ? -6.221  -0.202  9.877   1.00 44.98 ? 47  ARG A NE  1 
ATOM   374 C  CZ  . ARG A 1 47 ? -7.014  -1.154  9.366   1.00 46.43 ? 47  ARG A CZ  1 
ATOM   375 N  NH1 . ARG A 1 47 ? -7.070  -2.384  9.880   1.00 46.16 ? 47  ARG A NH1 1 
ATOM   376 N  NH2 . ARG A 1 47 ? -7.775  -0.864  8.315   1.00 48.01 ? 47  ARG A NH2 1 
ATOM   377 N  N   . ASP A 1 48 ? -1.055  -4.063  11.175  1.00 27.67 ? 48  ASP A N   1 
ATOM   378 C  CA  . ASP A 1 48 ? -0.731  -5.301  11.872  1.00 30.49 ? 48  ASP A CA  1 
ATOM   379 C  C   . ASP A 1 48 ? 0.785   -5.466  12.074  1.00 28.94 ? 48  ASP A C   1 
ATOM   380 O  O   . ASP A 1 48 ? 1.244   -6.542  12.461  1.00 32.04 ? 48  ASP A O   1 
ATOM   381 C  CB  . ASP A 1 48 ? -1.345  -6.502  11.152  1.00 31.69 ? 48  ASP A CB  1 
ATOM   382 C  CG  . ASP A 1 48 ? -0.545  -6.942  9.937   1.00 35.02 ? 48  ASP A CG  1 
ATOM   383 O  OD1 . ASP A 1 48 ? 0.470   -6.304  9.593   1.00 35.41 ? 48  ASP A OD1 1 
ATOM   384 O  OD2 . ASP A 1 48 ? -0.956  -7.940  9.315   1.00 40.34 ? 48  ASP A OD2 1 
ATOM   385 N  N   . GLY A 1 49 ? 1.553   -4.404  11.852  1.00 28.07 ? 49  GLY A N   1 
ATOM   386 C  CA  . GLY A 1 49 ? 2.999   -4.435  12.126  1.00 28.93 ? 49  GLY A CA  1 
ATOM   387 C  C   . GLY A 1 49 ? 3.896   -4.795  10.945  1.00 28.85 ? 49  GLY A C   1 
ATOM   388 O  O   . GLY A 1 49 ? 5.103   -4.700  11.048  1.00 34.97 ? 49  GLY A O   1 
ATOM   389 N  N   . THR A 1 50 ? 3.324   -5.246  9.831   1.00 27.45 ? 50  THR A N   1 
ATOM   390 C  CA  . THR A 1 50 ? 4.106   -5.556  8.623   1.00 29.40 ? 50  THR A CA  1 
ATOM   391 C  C   . THR A 1 50 ? 4.738   -4.235  8.200   1.00 27.97 ? 50  THR A C   1 
ATOM   392 O  O   . THR A 1 50 ? 4.148   -3.187  8.414   1.00 29.14 ? 50  THR A O   1 
ATOM   393 C  CB  . THR A 1 50 ? 3.127   -6.079  7.525   1.00 30.81 ? 50  THR A CB  1 
ATOM   394 O  OG1 . THR A 1 50 ? 2.385   -7.200  8.043   1.00 31.82 ? 50  THR A OG1 1 
ATOM   395 C  CG2 . THR A 1 50 ? 3.817   -6.461  6.266   1.00 31.20 ? 50  THR A CG2 1 
ATOM   396 N  N   . LYS A 1 51 ? 5.934   -4.244  7.626   1.00 24.79 ? 51  LYS A N   1 
ATOM   397 C  CA  . LYS A 1 51 ? 6.478   -3.038  6.960   1.00 25.95 ? 51  LYS A CA  1 
ATOM   398 C  C   . LYS A 1 51 ? 6.635   -3.306  5.468   1.00 26.70 ? 51  LYS A C   1 
ATOM   399 O  O   . LYS A 1 51 ? 6.984   -4.412  5.046   1.00 26.41 ? 51  LYS A O   1 
ATOM   400 C  CB  . LYS A 1 51 ? 7.839   -2.628  7.539   1.00 27.49 ? 51  LYS A CB  1 
ATOM   401 C  CG  . LYS A 1 51 ? 7.823   -2.279  9.024   1.00 30.06 ? 51  LYS A CG  1 
ATOM   402 C  CD  . LYS A 1 51 ? 9.213   -1.831  9.482   1.00 35.38 ? 51  LYS A CD  1 
ATOM   403 C  CE  . LYS A 1 51 ? 9.483   -2.147  10.937  1.00 41.06 ? 51  LYS A CE  1 
ATOM   404 N  NZ  . LYS A 1 51 ? 8.794   -1.226  11.860  1.00 41.24 ? 51  LYS A NZ  1 
ATOM   405 N  N   . ILE A 1 52 ? 6.359   -2.289  4.658   1.00 25.58 ? 52  ILE A N   1 
ATOM   406 C  CA  . ILE A 1 52 ? 6.479   -2.432  3.225   1.00 23.17 ? 52  ILE A CA  1 
ATOM   407 C  C   . ILE A 1 52 ? 7.279   -1.276  2.658   1.00 24.42 ? 52  ILE A C   1 
ATOM   408 O  O   . ILE A 1 52 ? 7.445   -0.225  3.266   1.00 23.62 ? 52  ILE A O   1 
ATOM   409 C  CB  . ILE A 1 52 ? 5.115   -2.529  2.518   1.00 23.86 ? 52  ILE A CB  1 
ATOM   410 C  CG1 . ILE A 1 52 ? 4.310   -1.240  2.696   1.00 25.06 ? 52  ILE A CG1 1 
ATOM   411 C  CG2 . ILE A 1 52 ? 4.328   -3.754  3.051   1.00 23.70 ? 52  ILE A CG2 1 
ATOM   412 C  CD1 . ILE A 1 52 ? 3.064   -1.201  1.867   1.00 26.13 ? 52  ILE A CD1 1 
ATOM   413 N  N   . ILE A 1 53 ? 7.806   -1.523  1.466   1.00 22.54 ? 53  ILE A N   1 
ATOM   414 C  CA  . ILE A 1 53 ? 8.396   -0.493  0.624   1.00 24.26 ? 53  ILE A CA  1 
ATOM   415 C  C   . ILE A 1 53 ? 7.904   -0.676  -0.797  1.00 25.04 ? 53  ILE A C   1 
ATOM   416 O  O   . ILE A 1 53 ? 7.820   -1.805  -1.293  1.00 25.21 ? 53  ILE A O   1 
ATOM   417 C  CB  . ILE A 1 53 ? 9.930   -0.644  0.558   1.00 26.23 ? 53  ILE A CB  1 
ATOM   418 C  CG1 . ILE A 1 53 ? 10.566  -0.476  1.905   1.00 26.85 ? 53  ILE A CG1 1 
ATOM   419 C  CG2 . ILE A 1 53 ? 10.560  0.374   -0.426  1.00 26.96 ? 53  ILE A CG2 1 
ATOM   420 C  CD1 . ILE A 1 53 ? 12.051  -0.942  1.909   1.00 29.77 ? 53  ILE A CD1 1 
ATOM   421 N  N   . MET A 1 54 ? 7.597   0.424   -1.468  1.00 26.88 ? 54  MET A N   1 
ATOM   422 C  CA  . MET A 1 54 ? 7.198   0.397   -2.854  1.00 26.55 ? 54  MET A CA  1 
ATOM   423 C  C   . MET A 1 54 ? 8.407   0.839   -3.686  1.00 27.39 ? 54  MET A C   1 
ATOM   424 O  O   . MET A 1 54 ? 8.993   1.872   -3.412  1.00 27.55 ? 54  MET A O   1 
ATOM   425 C  CB  . MET A 1 54 ? 6.005   1.367   -3.031  1.00 26.85 ? 54  MET A CB  1 
ATOM   426 C  CG  . MET A 1 54 ? 4.665   1.098   -2.211  1.00 31.58 ? 54  MET A CG  1 
ATOM   427 S  SD  . MET A 1 54 ? 3.243   2.229   -2.501  1.00 28.93 ? 54  MET A SD  1 
ATOM   428 C  CE  . MET A 1 54 ? 3.991   3.771   -1.975  1.00 35.04 ? 54  MET A CE  1 
ATOM   429 N  N   . LYS A 1 55 ? 8.817   0.047   -4.687  1.00 27.98 ? 55  LYS A N   1 
ATOM   430 C  CA  . LYS A 1 55 ? 9.902   0.433   -5.594  1.00 27.36 ? 55  LYS A CA  1 
ATOM   431 C  C   . LYS A 1 55 ? 9.685   -0.223  -6.955  1.00 26.33 ? 55  LYS A C   1 
ATOM   432 O  O   . LYS A 1 55 ? 9.345   -1.387  -7.012  1.00 27.05 ? 55  LYS A O   1 
ATOM   433 C  CB  . LYS A 1 55 ? 11.263  0.018   -5.028  1.00 31.70 ? 55  LYS A CB  1 
ATOM   434 C  CG  . LYS A 1 55 ? 12.450  0.755   -5.631  1.00 36.48 ? 55  LYS A CG  1 
ATOM   435 C  CD  . LYS A 1 55 ? 13.509  1.109   -4.566  1.00 40.93 ? 55  LYS A CD  1 
ATOM   436 C  CE  . LYS A 1 55 ? 14.596  2.006   -5.126  1.00 42.89 ? 55  LYS A CE  1 
ATOM   437 N  NZ  . LYS A 1 55 ? 15.152  2.960   -4.107  1.00 44.43 ? 55  LYS A NZ  1 
ATOM   438 N  N   . GLY A 1 56 ? 9.802   0.542   -8.037  1.00 26.89 ? 56  GLY A N   1 
ATOM   439 C  CA  . GLY A 1 56 ? 9.602   -0.016  -9.371  1.00 26.22 ? 56  GLY A CA  1 
ATOM   440 C  C   . GLY A 1 56 ? 8.211   -0.587  -9.602  1.00 28.52 ? 56  GLY A C   1 
ATOM   441 O  O   . GLY A 1 56 ? 8.047   -1.591  -10.296 1.00 30.06 ? 56  GLY A O   1 
ATOM   442 N  N   . ASN A 1 57 ? 7.207   0.068   -9.024  1.00 28.56 ? 57  ASN A N   1 
ATOM   443 C  CA  . ASN A 1 57 ? 5.806   -0.390  -9.055  1.00 28.86 ? 57  ASN A CA  1 
ATOM   444 C  C   . ASN A 1 57 ? 5.551   -1.768  -8.448  1.00 27.55 ? 57  ASN A C   1 
ATOM   445 O  O   . ASN A 1 57 ? 4.545   -2.425  -8.760  1.00 28.87 ? 57  ASN A O   1 
ATOM   446 C  CB  . ASN A 1 57 ? 5.192   -0.312  -10.457 1.00 28.99 ? 57  ASN A CB  1 
ATOM   447 C  CG  . ASN A 1 57 ? 3.671   -0.190  -10.406 1.00 31.55 ? 57  ASN A CG  1 
ATOM   448 O  OD1 . ASN A 1 57 ? 3.121   0.574   -9.602  1.00 32.84 ? 57  ASN A OD1 1 
ATOM   449 N  ND2 . ASN A 1 57 ? 2.989   -0.966  -11.238 1.00 34.39 ? 57  ASN A ND2 1 
ATOM   450 N  N   . GLU A 1 58 ? 6.428   -2.169  -7.539  1.00 26.88 ? 58  GLU A N   1 
ATOM   451 C  CA  A GLU A 1 58 ? 6.295   -3.440  -6.854  0.60 27.50 ? 58  GLU A CA  1 
ATOM   452 C  CA  B GLU A 1 58 ? 6.292   -3.446  -6.851  0.40 27.51 ? 58  GLU A CA  1 
ATOM   453 C  C   . GLU A 1 58 ? 6.339   -3.212  -5.348  1.00 26.91 ? 58  GLU A C   1 
ATOM   454 O  O   . GLU A 1 58 ? 6.952   -2.254  -4.886  1.00 26.94 ? 58  GLU A O   1 
ATOM   455 C  CB  A GLU A 1 58 ? 7.409   -4.396  -7.295  0.60 28.54 ? 58  GLU A CB  1 
ATOM   456 C  CB  B GLU A 1 58 ? 7.411   -4.414  -7.250  0.40 28.46 ? 58  GLU A CB  1 
ATOM   457 C  CG  A GLU A 1 58 ? 7.359   -4.734  -8.784  0.60 28.93 ? 58  GLU A CG  1 
ATOM   458 C  CG  B GLU A 1 58 ? 7.564   -4.669  -8.754  0.40 29.14 ? 58  GLU A CG  1 
ATOM   459 C  CD  A GLU A 1 58 ? 8.375   -5.782  -9.218  0.60 29.74 ? 58  GLU A CD  1 
ATOM   460 C  CD  B GLU A 1 58 ? 6.523   -5.622  -9.348  0.40 30.63 ? 58  GLU A CD  1 
ATOM   461 O  OE1 A GLU A 1 58 ? 9.588   -5.559  -9.037  0.60 28.47 ? 58  GLU A OE1 1 
ATOM   462 O  OE1 B GLU A 1 58 ? 5.850   -6.363  -8.598  0.40 31.44 ? 58  GLU A OE1 1 
ATOM   463 O  OE2 A GLU A 1 58 ? 7.951   -6.813  -9.780  0.60 33.49 ? 58  GLU A OE2 1 
ATOM   464 O  OE2 B GLU A 1 58 ? 6.386   -5.641  -10.589 0.40 33.12 ? 58  GLU A OE2 1 
ATOM   465 N  N   . ILE A 1 59 ? 5.691   -4.093  -4.589  1.00 25.56 ? 59  ILE A N   1 
ATOM   466 C  CA  . ILE A 1 59 ? 5.692   -4.008  -3.131  1.00 26.39 ? 59  ILE A CA  1 
ATOM   467 C  C   . ILE A 1 59 ? 6.636   -5.049  -2.565  1.00 26.15 ? 59  ILE A C   1 
ATOM   468 O  O   . ILE A 1 59 ? 6.539   -6.230  -2.906  1.00 26.20 ? 59  ILE A O   1 
ATOM   469 C  CB  . ILE A 1 59 ? 4.299   -4.253  -2.528  1.00 28.49 ? 59  ILE A CB  1 
ATOM   470 C  CG1 . ILE A 1 59 ? 3.308   -3.291  -3.138  1.00 31.69 ? 59  ILE A CG1 1 
ATOM   471 C  CG2 . ILE A 1 59 ? 4.346   -4.088  -1.017  1.00 29.55 ? 59  ILE A CG2 1 
ATOM   472 C  CD1 . ILE A 1 59 ? 3.627   -1.914  -2.828  1.00 32.42 ? 59  ILE A CD1 1 
ATOM   473 N  N   . PHE A 1 60 ? 7.534   -4.583  -1.707  1.00 25.02 ? 60  PHE A N   1 
ATOM   474 C  CA  . PHE A 1 60 ? 8.434   -5.423  -0.935  1.00 25.72 ? 60  PHE A CA  1 
ATOM   475 C  C   . PHE A 1 60 ? 8.010   -5.399  0.511   1.00 25.65 ? 60  PHE A C   1 
ATOM   476 O  O   . PHE A 1 60 ? 7.683   -4.341  1.037   1.00 26.30 ? 60  PHE A O   1 
ATOM   477 C  CB  . PHE A 1 60 ? 9.859   -4.907  -1.023  1.00 23.97 ? 60  PHE A CB  1 
ATOM   478 C  CG  . PHE A 1 60 ? 10.437  -4.941  -2.431  1.00 22.58 ? 60  PHE A CG  1 
ATOM   479 C  CD1 . PHE A 1 60 ? 11.392  -5.860  -2.799  1.00 21.69 ? 60  PHE A CD1 1 
ATOM   480 C  CD2 . PHE A 1 60 ? 10.031  -4.024  -3.384  1.00 23.34 ? 60  PHE A CD2 1 
ATOM   481 C  CE1 . PHE A 1 60 ? 11.913  -5.871  -4.070  1.00 22.19 ? 60  PHE A CE1 1 
ATOM   482 C  CE2 . PHE A 1 60 ? 10.536  -4.041  -4.680  1.00 24.01 ? 60  PHE A CE2 1 
ATOM   483 C  CZ  . PHE A 1 60 ? 11.484  -4.989  -5.029  1.00 23.37 ? 60  PHE A CZ  1 
ATOM   484 N  N   . ARG A 1 61 ? 7.979   -6.571  1.133   1.00 24.79 ? 61  ARG A N   1 
ATOM   485 C  CA  . ARG A 1 61 ? 7.472   -6.713  2.508   1.00 26.68 ? 61  ARG A CA  1 
ATOM   486 C  C   . ARG A 1 61 ? 8.519   -7.306  3.439   1.00 28.72 ? 61  ARG A C   1 
ATOM   487 O  O   . ARG A 1 61 ? 9.321   -8.152  3.015   1.00 26.38 ? 61  ARG A O   1 
ATOM   488 C  CB  . ARG A 1 61 ? 6.285   -7.643  2.476   1.00 31.88 ? 61  ARG A CB  1 
ATOM   489 C  CG  . ARG A 1 61 ? 5.515   -7.658  3.760   1.00 39.57 ? 61  ARG A CG  1 
ATOM   490 C  CD  . ARG A 1 61 ? 4.231   -8.471  3.650   1.00 42.56 ? 61  ARG A CD  1 
ATOM   491 N  NE  . ARG A 1 61 ? 4.481   -9.782  3.071   1.00 44.60 ? 61  ARG A NE  1 
ATOM   492 C  CZ  . ARG A 1 61 ? 3.814   -10.897 3.376   1.00 47.89 ? 61  ARG A CZ  1 
ATOM   493 N  NH1 . ARG A 1 61 ? 2.804   -10.907 4.241   1.00 51.48 ? 61  ARG A NH1 1 
ATOM   494 N  NH2 . ARG A 1 61 ? 4.159   -12.030 2.780   1.00 51.47 ? 61  ARG A NH2 1 
ATOM   495 N  N   . LEU A 1 62 ? 8.556   -6.895  4.707   1.00 28.56 ? 62  LEU A N   1 
ATOM   496 C  CA  . LEU A 1 62 ? 9.626   -7.399  5.602   1.00 31.15 ? 62  LEU A CA  1 
ATOM   497 C  C   . LEU A 1 62 ? 9.672   -8.905  5.531   1.00 32.20 ? 62  LEU A C   1 
ATOM   498 O  O   . LEU A 1 62 ? 8.622   -9.545  5.598   1.00 30.86 ? 62  LEU A O   1 
ATOM   499 C  CB  . LEU A 1 62 ? 9.396   -7.051  7.047   1.00 33.72 ? 62  LEU A CB  1 
ATOM   500 C  CG  . LEU A 1 62 ? 9.960   -5.770  7.610   1.00 37.28 ? 62  LEU A CG  1 
ATOM   501 C  CD1 . LEU A 1 62 ? 9.251   -5.467  8.926   1.00 35.07 ? 62  LEU A CD1 1 
ATOM   502 C  CD2 . LEU A 1 62 ? 11.421  -5.886  7.855   1.00 34.23 ? 62  LEU A CD2 1 
ATOM   503 N  N   . ASP A 1 63 ? 10.872  -9.489  5.445   1.00 30.50 ? 63  ASP A N   1 
ATOM   504 C  CA  . ASP A 1 63 ? 10.971  -10.936 5.325   1.00 32.65 ? 63  ASP A CA  1 
ATOM   505 C  C   . ASP A 1 63 ? 10.570  -11.625 6.655   1.00 34.03 ? 63  ASP A C   1 
ATOM   506 O  O   . ASP A 1 63 ? 11.286  -11.559 7.647   1.00 34.11 ? 63  ASP A O   1 
ATOM   507 C  CB  . ASP A 1 63 ? 12.382  -11.339 4.836   1.00 31.95 ? 63  ASP A CB  1 
ATOM   508 C  CG  . ASP A 1 63 ? 12.470  -12.802 4.404   1.00 34.97 ? 63  ASP A CG  1 
ATOM   509 O  OD1 . ASP A 1 63 ? 11.529  -13.574 4.701   1.00 30.71 ? 63  ASP A OD1 1 
ATOM   510 O  OD2 . ASP A 1 63 ? 13.501  -13.208 3.799   1.00 32.57 ? 63  ASP A OD2 1 
ATOM   511 N  N   . GLU A 1 64 ? 9.429   -12.316 6.649   1.00 35.04 ? 64  GLU A N   1 
ATOM   512 C  CA  . GLU A 1 64 ? 8.954   -13.053 7.829   1.00 36.51 ? 64  GLU A CA  1 
ATOM   513 C  C   . GLU A 1 64 ? 9.915   -14.141 8.309   1.00 35.71 ? 64  GLU A C   1 
ATOM   514 O  O   . GLU A 1 64 ? 9.863   -14.545 9.465   1.00 36.73 ? 64  GLU A O   1 
ATOM   515 C  CB  . GLU A 1 64 ? 7.572   -13.664 7.546   1.00 38.02 ? 64  GLU A CB  1 
ATOM   516 C  CG  . GLU A 1 64 ? 6.912   -14.327 8.761   1.00 43.30 ? 64  GLU A CG  1 
ATOM   517 C  CD  . GLU A 1 64 ? 5.378   -14.391 8.682   1.00 47.87 ? 64  GLU A CD  1 
ATOM   518 O  OE1 . GLU A 1 64 ? 4.790   -13.986 7.648   1.00 50.42 ? 64  GLU A OE1 1 
ATOM   519 O  OE2 . GLU A 1 64 ? 4.760   -14.866 9.666   1.00 47.78 ? 64  GLU A OE2 1 
ATOM   520 N  N   . ALA A 1 65 ? 10.789  -14.619 7.427   1.00 34.71 ? 65  ALA A N   1 
ATOM   521 C  CA  . ALA A 1 65 ? 11.820  -15.602 7.803   1.00 34.30 ? 65  ALA A CA  1 
ATOM   522 C  C   . ALA A 1 65 ? 12.770  -15.078 8.876   1.00 34.76 ? 65  ALA A C   1 
ATOM   523 O  O   . ALA A 1 65 ? 13.389  -15.869 9.594   1.00 36.52 ? 65  ALA A O   1 
ATOM   524 C  CB  . ALA A 1 65 ? 12.631  -16.021 6.567   1.00 32.10 ? 65  ALA A CB  1 
ATOM   525 N  N   . LEU A 1 66 ? 12.919  -13.753 8.945   1.00 35.09 ? 66  LEU A N   1 
ATOM   526 C  CA  . LEU A 1 66 ? 13.844  -13.120 9.890   1.00 36.65 ? 66  LEU A CA  1 
ATOM   527 C  C   . LEU A 1 66 ? 13.120  -12.580 11.118  1.00 37.91 ? 66  LEU A C   1 
ATOM   528 O  O   . LEU A 1 66 ? 13.762  -12.265 12.122  1.00 40.23 ? 66  LEU A O   1 
ATOM   529 C  CB  . LEU A 1 66 ? 14.589  -11.974 9.209   1.00 35.50 ? 66  LEU A CB  1 
ATOM   530 C  CG  . LEU A 1 66 ? 15.310  -12.339 7.910   1.00 35.86 ? 66  LEU A CG  1 
ATOM   531 C  CD1 . LEU A 1 66 ? 16.035  -11.110 7.338   1.00 35.92 ? 66  LEU A CD1 1 
ATOM   532 C  CD2 . LEU A 1 66 ? 16.266  -13.532 8.109   1.00 32.51 ? 66  LEU A CD2 1 
HETATM 533 CU CU  . CU1 B 2 .  ? 2.872   2.228   -4.817  1.00 29.58 ? 101 CU1 A CU  1 
HETATM 534 S  S   . SCN C 3 .  ? -6.187  3.724   -5.233  1.00 24.27 ? 201 SCN A S   1 
HETATM 535 C  C   . SCN C 3 .  ? -7.692  3.813   -6.176  1.00 23.41 ? 201 SCN A C   1 
HETATM 536 N  N   . SCN C 3 .  ? -8.597  3.926   -6.892  1.00 25.21 ? 201 SCN A N   1 
HETATM 537 S  S   . SCN D 3 .  ? 7.013   2.568   -7.093  1.00 50.57 ? 301 SCN A S   1 
HETATM 538 C  C   . SCN D 3 .  ? 5.453   2.987   -6.365  1.00 46.88 ? 301 SCN A C   1 
HETATM 539 N  N   . SCN D 3 .  ? 4.533   3.333   -5.761  1.00 43.87 ? 301 SCN A N   1 
HETATM 540 O  O   . HOH E 4 .  ? -3.292  9.654   10.787  1.00 30.48 ? 302 HOH A O   1 
HETATM 541 O  O   . HOH E 4 .  ? -8.240  10.348  12.619  1.00 22.15 ? 303 HOH A O   1 
HETATM 542 O  O   . HOH E 4 .  ? -3.963  9.035   6.187   1.00 22.84 ? 304 HOH A O   1 
HETATM 543 O  O   . HOH E 4 .  ? -9.869  7.316   -2.648  1.00 31.77 ? 305 HOH A O   1 
HETATM 544 O  O   . HOH E 4 .  ? -6.293  -6.977  1.222   1.00 28.35 ? 306 HOH A O   1 
HETATM 545 O  O   . HOH E 4 .  ? -2.764  -4.314  5.822   1.00 28.42 ? 307 HOH A O   1 
HETATM 546 O  O   . HOH E 4 .  ? -5.233  2.257   7.053   1.00 29.49 ? 308 HOH A O   1 
HETATM 547 O  O   . HOH E 4 .  ? -16.451 -8.341  -6.029  1.00 31.46 ? 309 HOH A O   1 
HETATM 548 O  O   . HOH E 4 .  ? 7.626   3.126   -0.379  1.00 32.65 ? 310 HOH A O   1 
HETATM 549 O  O   . HOH E 4 .  ? 2.773   10.989  -0.970  1.00 35.98 ? 311 HOH A O   1 
HETATM 550 O  O   . HOH E 4 .  ? -10.413 2.220   -8.276  1.00 29.98 ? 312 HOH A O   1 
HETATM 551 O  O   . HOH E 4 .  ? -7.281  -4.221  -12.730 1.00 31.60 ? 313 HOH A O   1 
HETATM 552 O  O   . HOH E 4 .  ? -12.425 3.586   -9.778  1.00 30.59 ? 314 HOH A O   1 
HETATM 553 O  O   . HOH E 4 .  ? -10.469 5.978   -7.068  1.00 28.75 ? 315 HOH A O   1 
HETATM 554 O  O   . HOH E 4 .  ? -2.598  14.052  -1.506  1.00 33.39 ? 316 HOH A O   1 
HETATM 555 O  O   . HOH E 4 .  ? 0.859   1.724   -10.727 1.00 36.22 ? 317 HOH A O   1 
HETATM 556 O  O   . HOH E 4 .  ? -12.717 10.697  -1.754  1.00 39.25 ? 318 HOH A O   1 
HETATM 557 O  O   . HOH E 4 .  ? 1.552   7.709   -7.364  1.00 48.81 ? 319 HOH A O   1 
HETATM 558 O  O   . HOH E 4 .  ? -2.626  -4.134  8.475   1.00 37.35 ? 320 HOH A O   1 
HETATM 559 O  O   . HOH E 4 .  ? -9.867  -0.723  1.404   1.00 34.56 ? 321 HOH A O   1 
HETATM 560 O  O   . HOH E 4 .  ? 0.294   13.056  -2.574  1.00 39.39 ? 322 HOH A O   1 
HETATM 561 O  O   . HOH E 4 .  ? -2.698  -6.407  3.655   1.00 36.96 ? 323 HOH A O   1 
HETATM 562 O  O   . HOH E 4 .  ? 1.698   -2.838  -8.346  1.00 40.59 ? 324 HOH A O   1 
HETATM 563 O  O   . HOH E 4 .  ? 1.785   4.839   8.327   1.00 32.86 ? 325 HOH A O   1 
HETATM 564 O  O   . HOH E 4 .  ? 12.004  4.843   4.671   1.00 36.07 ? 326 HOH A O   1 
HETATM 565 O  O   . HOH E 4 .  ? -2.820  11.443  -6.378  1.00 36.81 ? 327 HOH A O   1 
HETATM 566 O  O   . HOH E 4 .  ? -1.927  13.783  -5.283  1.00 36.03 ? 328 HOH A O   1 
HETATM 567 O  O   . HOH E 4 .  ? 2.746   5.736   5.898   1.00 35.32 ? 329 HOH A O   1 
HETATM 568 O  O   . HOH E 4 .  ? 11.169  -3.123  -8.185  1.00 34.75 ? 330 HOH A O   1 
HETATM 569 O  O   . HOH E 4 .  ? -11.606 6.276   -4.488  1.00 29.48 ? 331 HOH A O   1 
HETATM 570 O  O   . HOH E 4 .  ? -6.785  -5.418  3.772   1.00 37.70 ? 332 HOH A O   1 
HETATM 571 O  O   . HOH E 4 .  ? 2.024   9.449   7.671   1.00 37.47 ? 333 HOH A O   1 
HETATM 572 O  O   . HOH E 4 .  ? 7.524   2.080   11.603  1.00 45.68 ? 334 HOH A O   1 
HETATM 573 O  O   . HOH E 4 .  ? -10.561 5.792   6.638   1.00 41.88 ? 335 HOH A O   1 
HETATM 574 O  O   . HOH E 4 .  ? -12.277 6.119   -0.412  1.00 38.22 ? 336 HOH A O   1 
HETATM 575 O  O   . HOH E 4 .  ? -8.690  -3.505  4.316   1.00 46.18 ? 337 HOH A O   1 
HETATM 576 O  O   . HOH E 4 .  ? -6.944  -11.147 -3.858  1.00 41.43 ? 338 HOH A O   1 
HETATM 577 O  O   . HOH E 4 .  ? -1.245  11.146  4.661   1.00 36.88 ? 339 HOH A O   1 
HETATM 578 O  O   . HOH E 4 .  ? 1.892   15.614  -5.259  1.00 38.88 ? 340 HOH A O   1 
HETATM 579 O  O   . HOH E 4 .  ? 4.767   7.146   -7.013  1.00 44.81 ? 341 HOH A O   1 
HETATM 580 O  O   . HOH E 4 .  ? -12.598 -9.584  -6.623  1.00 45.34 ? 342 HOH A O   1 
HETATM 581 O  O   . HOH E 4 .  ? 2.536   8.601   3.217   1.00 43.93 ? 343 HOH A O   1 
HETATM 582 O  O   . HOH E 4 .  ? -1.650  -7.492  -9.474  1.00 40.39 ? 344 HOH A O   1 
HETATM 583 O  O   . HOH E 4 .  ? 1.110   12.677  4.993   1.00 44.55 ? 345 HOH A O   1 
HETATM 584 O  O   . HOH E 4 .  ? 3.151   11.105  5.744   1.00 46.48 ? 346 HOH A O   1 
HETATM 585 O  O   . HOH E 4 .  ? 3.535   10.419  1.543   1.00 40.48 ? 347 HOH A O   1 
HETATM 586 O  O   . HOH E 4 .  ? -5.362  -9.409  2.032   1.00 33.90 ? 348 HOH A O   1 
HETATM 587 O  O   . HOH E 4 .  ? 4.581   -6.059  -6.356  1.00 39.20 ? 349 HOH A O   1 
HETATM 588 O  O   . HOH E 4 .  ? 1.258   1.135   -13.388 1.00 41.89 ? 350 HOH A O   1 
HETATM 589 O  O   . HOH E 4 .  ? -2.041  14.453  1.045   1.00 39.00 ? 351 HOH A O   1 
HETATM 590 O  O   . HOH E 4 .  ? 4.502   3.490   11.812  1.00 40.72 ? 352 HOH A O   1 
HETATM 591 O  O   . HOH E 4 .  ? -0.069  8.588   4.375   1.00 29.70 ? 353 HOH A O   1 
HETATM 592 O  O   . HOH E 4 .  ? 6.383   5.760   6.861   1.00 53.11 ? 354 HOH A O   1 
HETATM 593 O  O   . HOH E 4 .  ? -10.078 -3.350  2.029   1.00 52.28 ? 355 HOH A O   1 
HETATM 594 O  O   . HOH E 4 .  ? -8.972  -7.682  4.624   1.00 49.07 ? 356 HOH A O   1 
HETATM 595 O  O   . HOH E 4 .  ? -12.763 -3.834  2.191   1.00 47.12 ? 357 HOH A O   1 
HETATM 596 O  O   . HOH E 4 .  ? -4.765  -7.715  -15.875 1.00 39.72 ? 358 HOH A O   1 
HETATM 597 O  O   . HOH E 4 .  ? -7.350  -6.138  -14.881 1.00 54.67 ? 359 HOH A O   1 
HETATM 598 O  O   . HOH E 4 .  ? 9.433   5.493   7.206   1.00 54.94 ? 360 HOH A O   1 
HETATM 599 O  O   . HOH E 4 .  ? 6.330   -12.593 0.525   1.00 43.09 ? 361 HOH A O   1 
HETATM 600 O  O   . HOH E 4 .  ? -15.513 -3.717  -10.657 1.00 51.40 ? 362 HOH A O   1 
HETATM 601 O  O   . HOH E 4 .  ? 9.126   9.221   -3.160  1.00 37.68 ? 363 HOH A O   1 
HETATM 602 O  O   . HOH E 4 .  ? 4.517   3.913   8.737   1.00 32.09 ? 364 HOH A O   1 
HETATM 603 O  O   . HOH E 4 .  ? 13.357  -2.103  -9.450  1.00 46.97 ? 365 HOH A O   1 
# 
